data_8J8N
#
_entry.id   8J8N
#
_cell.length_a   1.00
_cell.length_b   1.00
_cell.length_c   1.00
_cell.angle_alpha   90.00
_cell.angle_beta   90.00
_cell.angle_gamma   90.00
#
_symmetry.space_group_name_H-M   'P 1'
#
loop_
_entity.id
_entity.type
_entity.pdbx_description
1 polymer 'Zinc finger protein 568'
2 polymer 'Cellular tumor antigen p53'
3 non-polymer 'ZINC ION'
#
loop_
_entity_poly.entity_id
_entity_poly.type
_entity_poly.pdbx_seq_one_letter_code
_entity_poly.pdbx_strand_id
1 'polypeptide(L)'
;MTSQSSVISNSCVTMERLSHMMERKAWCSQESALSEEEEDTTRPLETVTFKDVAVDLTQEEWEQMKPAQRNLYRDVMLEN
YSNLVTVGCQVTKPDVIFKLEQEEEPWVMEEEMFGRHCP
;
F,E
2 'polypeptide(L)'
;PLSSSVPSQKTYQGSYGFRLGFLHSGTAKSVTCTYSPALNKMFCQLAKTCPVQLWVDSTPPPGTRVRAMAIYKQSQHMTE
VVRRCPHHERCSDSDGLAPPQHLIRVEGNLRVEYLDDRNTFRHSVVVPYEPPEVGSDCTTIHYNYMCNSSCMGGMNRRPI
LTIITLEDSSGNLLGRNSFEVRVCACPGRDRRTEEENLRKK
;
A,B,C,D
#
loop_
_chem_comp.id
_chem_comp.type
_chem_comp.name
_chem_comp.formula
ZN non-polymer 'ZINC ION' 'Zn 2'
#
# COMPACT_ATOMS: atom_id res chain seq x y z
N MET A 1 60.45 21.12 -9.47
CA MET A 1 60.88 21.31 -10.84
C MET A 1 60.02 22.34 -11.59
N THR A 2 59.74 22.08 -12.87
CA THR A 2 58.95 22.99 -13.70
C THR A 2 57.46 22.89 -13.35
N SER A 3 56.64 23.50 -14.21
CA SER A 3 55.22 23.79 -13.98
C SER A 3 55.05 24.62 -12.71
N GLN A 4 55.95 25.60 -12.54
CA GLN A 4 55.81 26.61 -11.51
C GLN A 4 54.69 27.54 -11.92
N SER A 5 53.48 27.27 -11.41
CA SER A 5 52.29 28.00 -11.83
C SER A 5 52.32 29.45 -11.37
N SER A 6 52.34 30.37 -12.34
CA SER A 6 52.10 31.78 -12.05
C SER A 6 50.62 31.87 -11.65
N VAL A 7 50.42 31.97 -10.34
CA VAL A 7 49.20 31.61 -9.62
C VAL A 7 47.96 32.33 -10.13
N ILE A 8 46.96 31.54 -10.56
CA ILE A 8 45.77 32.09 -11.20
C ILE A 8 44.52 31.89 -10.34
N SER A 9 44.45 30.78 -9.60
CA SER A 9 43.19 30.36 -8.99
C SER A 9 43.39 29.94 -7.53
N ASN A 10 44.23 30.66 -6.80
CA ASN A 10 44.27 30.58 -5.34
C ASN A 10 43.29 31.59 -4.76
N SER A 11 43.48 31.92 -3.47
CA SER A 11 42.59 32.69 -2.60
C SER A 11 41.95 33.96 -3.18
N CYS A 12 42.55 34.54 -4.23
CA CYS A 12 41.92 35.64 -4.97
C CYS A 12 40.93 35.11 -6.02
N VAL A 13 39.97 34.32 -5.54
CA VAL A 13 38.83 33.88 -6.36
C VAL A 13 37.55 34.43 -5.75
N THR A 14 37.48 34.48 -4.42
CA THR A 14 36.35 35.08 -3.73
C THR A 14 36.34 36.60 -3.93
N MET A 15 37.52 37.22 -4.04
CA MET A 15 37.61 38.67 -4.07
C MET A 15 37.18 39.25 -5.41
N GLU A 16 37.21 38.47 -6.49
CA GLU A 16 37.18 39.07 -7.82
C GLU A 16 35.79 39.11 -8.46
N ARG A 17 34.82 38.35 -7.93
CA ARG A 17 33.60 38.07 -8.68
C ARG A 17 32.69 39.28 -8.94
N LEU A 18 32.08 39.85 -7.89
CA LEU A 18 31.31 41.10 -7.86
C LEU A 18 30.01 41.07 -8.68
N SER A 19 29.78 40.02 -9.46
CA SER A 19 28.60 39.91 -10.31
C SER A 19 28.12 38.47 -10.39
N HIS A 20 28.33 37.70 -9.33
CA HIS A 20 28.14 36.25 -9.40
C HIS A 20 26.94 35.82 -8.55
N MET A 21 26.77 36.44 -7.39
CA MET A 21 25.59 36.21 -6.57
C MET A 21 24.93 37.47 -6.03
N MET A 22 25.62 38.61 -6.00
CA MET A 22 25.08 39.83 -5.44
C MET A 22 24.24 40.63 -6.42
N GLU A 23 24.21 40.25 -7.70
CA GLU A 23 23.33 40.88 -8.66
C GLU A 23 21.91 40.33 -8.61
N ARG A 24 21.68 39.26 -7.85
CA ARG A 24 20.38 38.63 -7.73
C ARG A 24 19.41 39.47 -6.92
N ALA A 26 17.74 42.32 -7.89
CA ALA A 26 17.37 43.57 -8.54
C ALA A 26 16.37 43.31 -9.67
N TRP A 27 15.21 42.78 -9.30
CA TRP A 27 14.15 42.46 -10.24
C TRP A 27 12.89 43.19 -9.79
N CYS A 28 11.76 42.84 -10.39
CA CYS A 28 10.44 43.47 -10.21
C CYS A 28 10.54 44.99 -10.43
N SER A 29 10.83 45.31 -11.69
CA SER A 29 11.28 46.64 -12.12
C SER A 29 10.25 47.74 -11.91
N GLN A 30 10.66 48.98 -12.20
CA GLN A 30 9.90 50.17 -11.83
C GLN A 30 9.47 50.94 -13.07
N GLU A 31 8.90 50.22 -14.04
CA GLU A 31 8.60 50.82 -15.35
C GLU A 31 7.39 51.76 -15.23
N SER A 32 7.63 53.05 -15.50
CA SER A 32 6.64 54.13 -15.63
C SER A 32 5.65 54.16 -14.46
N ALA A 33 6.19 54.49 -13.28
CA ALA A 33 5.43 54.38 -12.03
C ALA A 33 4.27 55.35 -11.99
N LEU A 34 3.12 54.85 -11.54
CA LEU A 34 1.88 55.61 -11.47
C LEU A 34 1.29 55.71 -10.08
N SER A 35 1.37 54.65 -9.27
CA SER A 35 0.81 54.66 -7.92
C SER A 35 1.72 55.44 -6.99
N GLU A 36 1.29 56.63 -6.59
CA GLU A 36 2.12 57.51 -5.78
C GLU A 36 1.23 58.48 -5.03
N GLU A 37 1.53 58.68 -3.75
CA GLU A 37 0.85 59.70 -2.95
C GLU A 37 1.81 60.15 -1.85
N GLU A 38 2.33 61.36 -1.97
CA GLU A 38 3.17 61.92 -0.93
C GLU A 38 2.29 62.37 0.23
N GLU A 39 2.77 62.16 1.45
CA GLU A 39 1.98 62.40 2.64
C GLU A 39 2.90 62.88 3.76
N ASP A 40 2.30 63.11 4.92
CA ASP A 40 3.04 63.44 6.13
C ASP A 40 3.77 62.21 6.67
N THR A 41 4.91 62.44 7.32
CA THR A 41 5.70 61.36 7.90
C THR A 41 5.30 61.24 9.37
N THR A 42 4.25 60.45 9.61
CA THR A 42 3.74 60.17 10.96
C THR A 42 3.90 58.71 11.35
N ARG A 43 3.80 57.79 10.40
CA ARG A 43 3.83 56.38 10.73
C ARG A 43 5.26 55.94 11.05
N PRO A 44 5.44 55.07 12.05
CA PRO A 44 6.80 54.71 12.49
C PRO A 44 7.49 53.78 11.49
N LEU A 45 8.74 53.44 11.83
CA LEU A 45 9.61 52.69 10.93
C LEU A 45 9.24 51.21 10.89
N GLU A 46 9.31 50.54 12.05
CA GLU A 46 9.12 49.09 12.22
C GLU A 46 10.09 48.31 11.32
N THR A 47 11.37 48.41 11.69
CA THR A 47 12.36 47.50 11.15
C THR A 47 12.00 46.07 11.54
N VAL A 48 12.35 45.13 10.66
CA VAL A 48 11.60 43.88 10.61
C VAL A 48 11.89 42.96 11.80
N THR A 49 13.10 42.38 11.89
CA THR A 49 13.78 41.81 13.07
C THR A 49 15.14 41.30 12.63
N PHE A 50 15.86 40.63 13.54
CA PHE A 50 16.90 39.69 13.13
C PHE A 50 16.48 38.25 13.38
N LYS A 51 15.26 38.02 13.87
CA LYS A 51 14.77 36.66 14.06
C LYS A 51 14.57 35.96 12.71
N ASP A 52 14.04 36.67 11.71
CA ASP A 52 13.81 36.04 10.42
C ASP A 52 14.99 36.18 9.48
N VAL A 53 15.85 37.18 9.69
CA VAL A 53 17.10 37.27 8.93
C VAL A 53 18.00 36.11 9.30
N ALA A 54 18.09 35.76 10.58
CA ALA A 54 18.63 34.48 10.98
C ALA A 54 17.69 33.38 10.52
N VAL A 55 18.27 32.27 10.10
CA VAL A 55 17.52 31.15 9.55
C VAL A 55 17.56 30.01 10.56
N ASP A 56 16.39 29.51 10.92
CA ASP A 56 16.29 28.36 11.82
C ASP A 56 16.84 27.12 11.11
N LEU A 57 17.65 26.36 11.84
CA LEU A 57 18.42 25.27 11.24
C LEU A 57 17.52 24.09 10.92
N THR A 58 17.61 23.60 9.69
CA THR A 58 16.88 22.41 9.26
C THR A 58 17.75 21.18 9.50
N GLN A 59 17.08 20.03 9.71
CA GLN A 59 17.78 18.85 10.21
C GLN A 59 18.42 18.04 9.08
N GLU A 60 17.68 17.82 7.98
CA GLU A 60 18.19 16.95 6.92
C GLU A 60 19.27 17.59 6.05
N GLU A 61 19.58 18.87 6.25
CA GLU A 61 20.57 19.54 5.43
C GLU A 61 21.98 19.12 5.82
N TRP A 62 22.96 19.77 5.21
CA TRP A 62 24.38 19.66 5.49
C TRP A 62 24.93 18.28 5.18
N GLU A 63 24.32 17.60 4.19
CA GLU A 63 24.91 16.37 3.67
C GLU A 63 25.84 16.65 2.50
N GLN A 64 25.36 17.35 1.47
CA GLN A 64 26.19 17.52 0.28
C GLN A 64 27.26 18.59 0.51
N MET A 65 26.89 19.87 0.64
CA MET A 65 27.34 20.85 1.64
C MET A 65 28.72 20.64 2.22
N LYS A 66 29.76 20.71 1.39
CA LYS A 66 31.15 20.77 1.84
C LYS A 66 31.30 21.86 2.90
N PRO A 67 31.87 21.55 4.09
CA PRO A 67 31.87 22.51 5.21
C PRO A 67 32.60 23.84 5.03
N ALA A 68 33.16 24.09 3.84
CA ALA A 68 33.48 25.46 3.46
C ALA A 68 32.21 26.29 3.27
N GLN A 69 31.08 25.65 2.97
CA GLN A 69 29.78 26.32 2.91
C GLN A 69 29.06 26.31 4.26
N ARG A 70 29.29 25.29 5.09
CA ARG A 70 28.65 25.19 6.40
C ARG A 70 29.16 26.27 7.34
N ASN A 71 30.48 26.41 7.44
CA ASN A 71 31.05 27.42 8.32
C ASN A 71 30.85 28.82 7.76
N LEU A 72 30.64 28.95 6.45
CA LEU A 72 30.29 30.23 5.84
C LEU A 72 28.82 30.57 6.02
N TYR A 73 27.95 29.57 6.16
CA TYR A 73 26.53 29.84 6.40
C TYR A 73 26.32 30.45 7.78
N ARG A 74 27.05 29.95 8.78
CA ARG A 74 27.04 30.57 10.10
C ARG A 74 27.68 31.96 10.05
N ASP A 75 28.59 32.18 9.12
CA ASP A 75 29.19 33.49 8.86
C ASP A 75 28.26 34.41 8.08
N VAL A 76 27.12 33.92 7.59
CA VAL A 76 26.09 34.78 7.03
C VAL A 76 25.20 35.35 8.12
N MET A 77 24.77 34.50 9.06
CA MET A 77 24.02 34.95 10.21
C MET A 77 24.89 35.53 11.32
N LEU A 78 26.20 35.64 11.10
CA LEU A 78 27.08 36.36 12.00
C LEU A 78 27.52 37.70 11.44
N GLU A 79 27.72 37.81 10.13
CA GLU A 79 28.08 39.08 9.52
C GLU A 79 26.86 39.95 9.21
N ASN A 80 25.68 39.35 9.08
CA ASN A 80 24.45 40.13 9.19
C ASN A 80 24.16 40.50 10.63
N TYR A 81 24.68 39.73 11.58
CA TYR A 81 24.62 40.05 13.00
C TYR A 81 25.73 41.00 13.43
N SER A 82 26.83 41.06 12.68
CA SER A 82 27.94 41.95 12.99
C SER A 82 27.61 43.43 12.79
N ASN A 83 26.47 43.74 12.17
CA ASN A 83 25.95 45.09 12.15
C ASN A 83 25.12 45.38 13.39
N LEU A 84 24.20 44.49 13.75
CA LEU A 84 23.15 44.79 14.71
C LEU A 84 23.61 44.71 16.17
N VAL A 85 24.88 44.37 16.43
CA VAL A 85 25.42 44.51 17.78
C VAL A 85 26.61 45.44 17.74
N THR A 86 26.81 46.10 16.60
CA THR A 86 27.85 47.13 16.47
C THR A 86 27.27 48.50 16.19
N VAL A 87 26.47 48.64 15.13
CA VAL A 87 25.87 49.92 14.74
C VAL A 87 24.45 49.66 14.24
N GLY A 88 23.47 50.25 14.91
CA GLY A 88 22.09 50.12 14.49
C GLY A 88 21.21 49.75 15.66
N CYS A 89 20.01 49.29 15.35
CA CYS A 89 19.05 48.86 16.36
C CYS A 89 19.51 47.55 16.98
N GLN A 90 19.33 47.44 18.30
CA GLN A 90 19.79 46.26 19.03
C GLN A 90 18.71 45.20 19.06
N VAL A 91 19.07 43.99 18.64
CA VAL A 91 18.22 42.83 18.78
C VAL A 91 18.80 41.95 19.87
N THR A 92 18.02 40.96 20.30
CA THR A 92 18.53 39.95 21.20
C THR A 92 19.30 38.89 20.42
N LYS A 93 19.90 37.97 21.14
CA LYS A 93 20.53 36.82 20.52
C LYS A 93 19.48 35.75 20.30
N PRO A 94 19.27 35.28 19.05
CA PRO A 94 18.28 34.22 18.81
C PRO A 94 18.63 32.86 19.41
N ASP A 95 17.73 31.90 19.21
CA ASP A 95 17.87 30.59 19.83
C ASP A 95 18.90 29.72 19.11
N VAL A 96 19.05 29.92 17.80
CA VAL A 96 19.93 29.08 17.00
C VAL A 96 21.40 29.40 17.17
N ILE A 97 21.73 30.50 17.87
CA ILE A 97 23.10 31.00 17.93
C ILE A 97 23.98 30.12 18.82
N PHE A 98 23.37 29.29 19.69
CA PHE A 98 24.12 28.34 20.50
C PHE A 98 24.73 27.21 19.66
N LYS A 99 24.37 27.09 18.39
CA LYS A 99 25.01 26.15 17.49
C LYS A 99 25.80 26.81 16.37
N LEU A 100 25.90 28.14 16.34
CA LEU A 100 26.77 28.80 15.38
C LEU A 100 28.23 28.60 15.76
N GLN A 102 28.47 25.47 17.60
CA GLN A 102 29.57 25.00 18.42
C GLN A 102 30.54 24.14 17.61
N GLU A 103 31.29 23.27 18.28
CA GLU A 103 32.45 22.66 17.65
C GLU A 103 32.08 21.37 16.90
N GLU A 104 31.31 20.48 17.52
CA GLU A 104 31.03 19.19 16.90
C GLU A 104 29.96 19.29 15.84
N GLU A 105 28.76 19.67 16.26
CA GLU A 105 27.55 19.64 15.44
C GLU A 105 26.48 20.45 16.16
N PRO A 106 25.42 20.85 15.45
CA PRO A 106 24.26 21.38 16.17
C PRO A 106 23.52 20.32 16.96
N TRP A 107 23.28 19.16 16.34
CA TRP A 107 22.42 18.14 16.92
C TRP A 107 23.27 17.03 17.56
N VAL A 108 23.85 17.38 18.70
CA VAL A 108 24.65 16.46 19.49
C VAL A 108 23.75 15.79 20.53
N MET A 109 23.98 14.51 20.79
CA MET A 109 23.22 13.77 21.79
C MET A 109 23.65 14.21 23.20
N GLU A 110 22.67 14.50 24.03
CA GLU A 110 22.88 14.71 25.45
C GLU A 110 21.94 13.86 26.30
N GLU A 111 20.72 13.63 25.84
CA GLU A 111 19.85 12.64 26.44
C GLU A 111 20.41 11.24 26.17
N GLU A 112 20.06 10.28 27.03
CA GLU A 112 20.52 8.90 26.97
C GLU A 112 22.03 8.77 27.04
N MET A 113 22.56 8.82 28.26
CA MET A 113 23.98 8.73 28.58
C MET A 113 24.56 7.33 28.34
N PHE A 114 25.70 7.04 28.98
CA PHE A 114 26.56 5.87 28.76
C PHE A 114 27.16 5.90 27.36
N GLY A 115 27.98 6.94 27.15
CA GLY A 115 28.71 7.07 25.91
C GLY A 115 29.98 6.25 25.84
N ARG A 116 29.85 4.91 25.94
CA ARG A 116 30.89 3.94 25.58
C ARG A 116 32.19 4.08 26.37
N HIS A 117 32.16 3.68 27.64
CA HIS A 117 33.30 3.69 28.57
C HIS A 117 34.59 3.18 27.93
N CYS A 118 35.67 3.92 28.16
CA CYS A 118 36.89 3.80 27.40
C CYS A 118 38.00 4.52 28.16
N PRO A 119 39.28 4.40 27.77
CA PRO A 119 40.28 5.30 28.35
C PRO A 119 40.06 6.77 27.99
N VAL B 6 9.08 -4.50 37.83
CA VAL B 6 9.40 -4.01 36.50
C VAL B 6 10.89 -4.22 36.24
N PRO B 7 11.25 -4.81 35.11
CA PRO B 7 12.67 -5.01 34.80
C PRO B 7 13.39 -3.70 34.55
N SER B 8 14.69 -3.72 34.78
CA SER B 8 15.50 -2.51 34.76
C SER B 8 15.75 -2.04 33.32
N GLN B 9 15.90 -0.72 33.18
CA GLN B 9 16.12 -0.08 31.88
C GLN B 9 17.51 0.53 31.75
N LYS B 10 18.36 0.38 32.76
CA LYS B 10 19.69 0.98 32.73
C LYS B 10 20.59 0.22 31.78
N THR B 11 21.45 0.96 31.07
CA THR B 11 22.27 0.37 30.02
C THR B 11 23.38 -0.48 30.61
N TYR B 12 23.44 -1.74 30.17
CA TYR B 12 24.41 -2.72 30.65
C TYR B 12 25.30 -3.10 29.48
N GLN B 13 26.57 -2.70 29.55
CA GLN B 13 27.56 -3.04 28.53
C GLN B 13 28.09 -4.47 28.71
N GLY B 14 28.49 -4.80 29.93
CA GLY B 14 29.08 -6.09 30.21
C GLY B 14 30.55 -6.13 29.86
N SER B 15 31.10 -7.34 29.92
CA SER B 15 32.43 -7.61 29.43
C SER B 15 32.42 -7.98 27.95
N TYR B 16 31.27 -7.91 27.30
CA TYR B 16 31.10 -8.32 25.91
C TYR B 16 31.08 -7.16 24.92
N GLY B 17 30.96 -5.92 25.39
CA GLY B 17 30.92 -4.77 24.52
C GLY B 17 29.69 -4.72 23.63
N PHE B 18 28.53 -5.02 24.22
CA PHE B 18 27.29 -5.10 23.45
C PHE B 18 26.72 -3.71 23.24
N ARG B 19 26.56 -3.31 21.97
CA ARG B 19 26.02 -2.01 21.62
C ARG B 19 25.07 -2.16 20.45
N LEU B 20 23.97 -1.41 20.50
CA LEU B 20 22.95 -1.44 19.46
C LEU B 20 23.36 -0.53 18.31
N GLY B 21 23.32 -1.05 17.10
CA GLY B 21 23.55 -0.26 15.89
C GLY B 21 22.25 -0.04 15.16
N PHE B 22 22.09 1.15 14.59
CA PHE B 22 20.88 1.52 13.89
C PHE B 22 21.26 2.10 12.54
N LEU B 23 20.41 1.87 11.54
CA LEU B 23 20.65 2.39 10.20
C LEU B 23 20.46 3.90 10.18
N HIS B 24 21.39 4.59 9.52
CA HIS B 24 21.30 6.04 9.34
C HIS B 24 20.34 6.32 8.20
N SER B 25 19.04 6.22 8.48
CA SER B 25 18.01 6.39 7.47
C SER B 25 17.50 7.82 7.46
N GLY B 26 16.89 8.21 6.35
CA GLY B 26 16.43 9.58 6.18
C GLY B 26 15.21 9.90 7.04
N THR B 27 14.88 11.19 7.05
CA THR B 27 13.76 11.72 7.83
C THR B 27 12.57 12.08 6.94
N ALA B 28 12.26 11.22 5.96
CA ALA B 28 11.13 11.46 5.07
C ALA B 28 9.80 11.31 5.82
N LYS B 29 8.73 11.76 5.18
CA LYS B 29 7.43 11.83 5.85
C LYS B 29 6.83 10.45 6.10
N SER B 30 7.18 9.48 5.27
CA SER B 30 6.57 8.14 5.35
C SER B 30 7.66 7.07 5.33
N VAL B 31 8.66 7.23 6.20
CA VAL B 31 9.73 6.23 6.28
C VAL B 31 9.22 4.98 7.01
N THR B 32 9.86 3.85 6.72
CA THR B 32 9.46 2.60 7.35
C THR B 32 10.07 2.42 8.73
N CYS B 33 11.25 2.97 8.98
CA CYS B 33 11.94 2.86 10.25
C CYS B 33 13.04 3.93 10.30
N THR B 34 13.16 4.61 11.43
CA THR B 34 14.21 5.59 11.61
C THR B 34 14.60 5.65 13.08
N TYR B 35 15.79 6.22 13.34
CA TYR B 35 16.35 6.27 14.68
C TYR B 35 16.93 7.66 14.93
N SER B 36 16.70 8.19 16.13
CA SER B 36 17.26 9.49 16.50
C SER B 36 18.47 9.26 17.39
N PRO B 37 19.65 9.78 17.06
CA PRO B 37 20.79 9.61 17.97
C PRO B 37 20.73 10.52 19.18
N ALA B 38 20.04 11.66 19.06
CA ALA B 38 20.03 12.64 20.14
C ALA B 38 19.12 12.23 21.29
N LEU B 39 18.03 11.52 20.99
CA LEU B 39 17.09 11.07 22.01
C LEU B 39 17.14 9.58 22.23
N ASN B 40 17.97 8.85 21.47
CA ASN B 40 18.03 7.38 21.43
C ASN B 40 16.65 6.78 21.18
N LYS B 41 15.93 7.35 20.22
CA LYS B 41 14.52 7.06 20.01
C LYS B 41 14.32 6.52 18.60
N MET B 42 13.86 5.27 18.52
CA MET B 42 13.51 4.65 17.25
C MET B 42 12.05 4.96 16.93
N PHE B 43 11.81 5.49 15.74
CA PHE B 43 10.46 5.75 15.24
C PHE B 43 10.20 4.79 14.09
N CYS B 44 9.11 4.04 14.17
CA CYS B 44 8.82 3.04 13.14
C CYS B 44 7.32 2.78 13.07
N GLN B 45 6.93 1.98 12.08
CA GLN B 45 5.54 1.69 11.75
C GLN B 45 5.06 0.38 12.35
N LEU B 46 3.79 0.10 12.08
CA LEU B 46 3.18 -1.17 12.45
C LEU B 46 3.52 -2.23 11.42
N ALA B 47 3.95 -3.40 11.90
CA ALA B 47 4.22 -4.60 11.10
C ALA B 47 5.29 -4.39 10.03
N LYS B 48 6.27 -3.53 10.30
CA LYS B 48 7.29 -3.22 9.32
C LYS B 48 8.67 -3.58 9.86
N THR B 49 9.64 -3.63 8.96
CA THR B 49 10.97 -4.11 9.28
C THR B 49 11.74 -3.06 10.05
N CYS B 50 12.24 -3.43 11.23
CA CYS B 50 13.10 -2.58 12.05
C CYS B 50 14.43 -3.28 12.23
N PRO B 51 15.39 -3.09 11.31
CA PRO B 51 16.69 -3.75 11.43
C PRO B 51 17.54 -3.11 12.53
N VAL B 52 17.79 -3.88 13.59
CA VAL B 52 18.62 -3.44 14.70
C VAL B 52 19.91 -4.23 14.66
N GLN B 53 21.02 -3.53 14.49
CA GLN B 53 22.34 -4.17 14.42
C GLN B 53 22.85 -4.41 15.83
N LEU B 54 23.62 -5.48 15.98
CA LEU B 54 24.25 -5.83 17.24
C LEU B 54 25.76 -5.73 17.06
N TRP B 55 26.35 -4.71 17.67
CA TRP B 55 27.80 -4.49 17.61
C TRP B 55 28.42 -4.99 18.90
N VAL B 56 29.32 -5.95 18.79
CA VAL B 56 29.93 -6.60 19.93
C VAL B 56 31.44 -6.44 19.85
N ASP B 57 32.08 -6.36 21.02
CA ASP B 57 33.54 -6.28 21.07
C ASP B 57 34.17 -7.67 21.06
N SER B 58 33.50 -8.66 21.61
CA SER B 58 33.98 -10.03 21.57
C SER B 58 32.85 -10.94 21.10
N THR B 59 33.23 -12.09 20.56
CA THR B 59 32.24 -13.05 20.09
C THR B 59 31.72 -13.88 21.27
N PRO B 60 30.41 -13.95 21.45
CA PRO B 60 29.85 -14.72 22.57
C PRO B 60 29.94 -16.22 22.30
N PRO B 61 29.87 -17.05 23.34
CA PRO B 61 29.86 -18.51 23.14
C PRO B 61 28.57 -18.96 22.49
N PRO B 62 28.56 -20.13 21.84
CA PRO B 62 27.33 -20.62 21.19
C PRO B 62 26.24 -20.95 22.19
N GLY B 63 24.99 -20.70 21.78
CA GLY B 63 23.85 -20.82 22.64
C GLY B 63 23.35 -19.51 23.20
N THR B 64 23.99 -18.40 22.87
CA THR B 64 23.55 -17.10 23.36
C THR B 64 22.33 -16.61 22.60
N ARG B 65 21.49 -15.84 23.28
CA ARG B 65 20.21 -15.41 22.74
C ARG B 65 20.04 -13.91 22.97
N VAL B 66 19.13 -13.32 22.21
CA VAL B 66 18.85 -11.88 22.27
C VAL B 66 17.38 -11.70 22.62
N ARG B 67 17.10 -11.14 23.80
CA ARG B 67 15.72 -10.88 24.21
C ARG B 67 15.38 -9.40 24.07
N ALA B 68 14.25 -9.13 23.42
CA ALA B 68 13.67 -7.80 23.31
C ALA B 68 12.46 -7.68 24.22
N MET B 69 12.30 -6.52 24.85
CA MET B 69 11.17 -6.24 25.73
C MET B 69 10.86 -4.74 25.68
N ALA B 70 9.60 -4.40 25.47
CA ALA B 70 9.16 -3.02 25.48
C ALA B 70 8.58 -2.64 26.83
N ILE B 71 9.12 -1.59 27.45
CA ILE B 71 8.59 -1.05 28.70
C ILE B 71 8.22 0.41 28.49
N TYR B 72 7.30 0.89 29.32
CA TYR B 72 6.92 2.30 29.26
C TYR B 72 8.05 3.18 29.77
N LYS B 73 8.21 4.35 29.16
CA LYS B 73 9.21 5.29 29.63
C LYS B 73 8.71 6.08 30.83
N GLN B 74 7.43 6.44 30.84
CA GLN B 74 6.86 7.20 31.95
C GLN B 74 6.70 6.32 33.18
N SER B 75 6.96 6.90 34.35
CA SER B 75 6.97 6.12 35.58
C SER B 75 5.57 5.87 36.12
N GLN B 76 4.61 6.72 35.76
CA GLN B 76 3.24 6.55 36.26
C GLN B 76 2.50 5.42 35.54
N HIS B 77 3.07 4.88 34.47
CA HIS B 77 2.44 3.82 33.69
C HIS B 77 3.24 2.52 33.69
N MET B 78 4.26 2.42 34.56
CA MET B 78 5.13 1.25 34.59
C MET B 78 4.40 -0.02 35.03
N THR B 79 3.30 0.11 35.78
CA THR B 79 2.56 -1.05 36.24
C THR B 79 1.79 -1.73 35.12
N GLU B 80 1.50 -1.03 34.04
CA GLU B 80 0.79 -1.60 32.91
C GLU B 80 1.77 -2.30 31.98
N VAL B 81 1.42 -3.51 31.56
CA VAL B 81 2.22 -4.23 30.58
C VAL B 81 2.06 -3.55 29.23
N VAL B 82 3.18 -3.33 28.52
CA VAL B 82 3.09 -2.85 27.14
C VAL B 82 2.51 -3.99 26.32
N ARG B 83 1.24 -3.85 25.96
CA ARG B 83 0.51 -4.87 25.24
C ARG B 83 -0.19 -4.25 24.05
N ARG B 84 -0.71 -5.11 23.19
CA ARG B 84 -1.48 -4.63 22.05
C ARG B 84 -2.87 -4.21 22.48
N CYS B 85 -3.46 -3.32 21.69
CA CYS B 85 -4.84 -2.89 21.92
C CYS B 85 -5.79 -4.05 21.63
N PRO B 86 -6.96 -4.07 22.28
CA PRO B 86 -7.89 -5.19 22.04
C PRO B 86 -8.46 -5.27 20.64
N HIS B 87 -8.37 -4.20 19.84
CA HIS B 87 -8.71 -4.32 18.42
C HIS B 87 -7.63 -5.09 17.67
N HIS B 88 -6.38 -4.67 17.80
CA HIS B 88 -5.28 -5.33 17.11
C HIS B 88 -4.96 -6.70 17.69
N GLU B 89 -5.42 -6.98 18.91
CA GLU B 89 -5.30 -8.32 19.48
C GLU B 89 -6.21 -9.32 18.78
N ARG B 90 -7.24 -8.84 18.07
CA ARG B 90 -8.18 -9.71 17.37
C ARG B 90 -8.08 -9.64 15.85
N CYS B 91 -7.18 -8.84 15.31
CA CYS B 91 -7.00 -8.76 13.86
CA CYS B 91 -7.07 -8.81 13.86
C CYS B 91 -6.14 -9.92 13.37
N SER B 92 -6.33 -10.29 12.10
CA SER B 92 -5.59 -11.39 11.48
C SER B 92 -4.32 -10.85 10.84
N ASP B 93 -3.36 -10.49 11.69
CA ASP B 93 -2.07 -9.96 11.26
C ASP B 93 -0.91 -10.83 11.73
N SER B 94 -1.18 -12.10 12.06
CA SER B 94 -0.16 -12.97 12.60
C SER B 94 0.77 -13.47 11.51
N ASP B 95 2.06 -13.56 11.84
CA ASP B 95 3.06 -14.14 10.95
C ASP B 95 3.21 -15.64 11.15
N GLY B 96 2.32 -16.26 11.92
CA GLY B 96 2.36 -17.69 12.18
C GLY B 96 3.26 -18.11 13.31
N LEU B 97 3.97 -17.17 13.93
CA LEU B 97 4.84 -17.49 15.06
C LEU B 97 4.53 -16.70 16.32
N ALA B 98 3.79 -15.60 16.23
CA ALA B 98 3.58 -14.73 17.38
C ALA B 98 2.17 -14.86 17.91
N PRO B 99 2.00 -14.92 19.24
CA PRO B 99 0.66 -14.72 19.81
C PRO B 99 0.19 -13.31 19.56
N PRO B 100 -1.13 -13.10 19.46
CA PRO B 100 -1.65 -11.79 19.03
C PRO B 100 -1.62 -10.70 20.10
N GLN B 101 -0.96 -10.89 21.23
CA GLN B 101 -0.82 -9.83 22.22
C GLN B 101 0.58 -9.22 22.24
N HIS B 102 1.55 -9.84 21.57
CA HIS B 102 2.93 -9.39 21.59
C HIS B 102 3.11 -8.18 20.67
N LEU B 103 3.69 -7.11 21.23
CA LEU B 103 3.97 -5.94 20.42
C LEU B 103 5.15 -6.18 19.47
N ILE B 104 6.23 -6.72 19.99
CA ILE B 104 7.45 -6.91 19.21
C ILE B 104 7.34 -8.22 18.44
N ARG B 105 7.86 -8.24 17.21
CA ARG B 105 8.00 -9.46 16.42
C ARG B 105 9.34 -9.43 15.71
N VAL B 106 9.73 -10.57 15.15
CA VAL B 106 11.00 -10.71 14.41
C VAL B 106 10.74 -11.52 13.14
N GLU B 107 11.09 -10.96 11.99
CA GLU B 107 11.01 -11.65 10.71
C GLU B 107 12.39 -12.05 10.23
N GLY B 108 12.42 -12.91 9.21
CA GLY B 108 13.66 -13.34 8.62
C GLY B 108 14.48 -14.30 9.46
N ASN B 109 13.85 -14.95 10.45
CA ASN B 109 14.53 -15.89 11.33
C ASN B 109 13.56 -17.01 11.64
N LEU B 110 14.02 -18.26 11.52
CA LEU B 110 13.15 -19.39 11.81
C LEU B 110 13.10 -19.73 13.29
N ARG B 111 14.10 -19.32 14.06
CA ARG B 111 14.29 -19.81 15.42
C ARG B 111 13.81 -18.82 16.48
N VAL B 112 12.81 -18.00 16.20
CA VAL B 112 12.37 -16.97 17.14
C VAL B 112 11.58 -17.60 18.28
N GLU B 113 11.81 -17.12 19.51
CA GLU B 113 10.96 -17.48 20.64
C GLU B 113 10.10 -16.29 21.03
N TYR B 114 8.93 -16.58 21.58
CA TYR B 114 8.05 -15.60 22.18
C TYR B 114 7.73 -16.04 23.61
N LEU B 115 7.73 -15.09 24.53
CA LEU B 115 7.62 -15.43 25.95
C LEU B 115 6.61 -14.53 26.64
N ASP B 116 5.67 -15.16 27.34
CA ASP B 116 4.89 -14.52 28.39
C ASP B 116 5.51 -14.93 29.72
N ASP B 117 6.30 -14.02 30.32
CA ASP B 117 7.02 -14.36 31.54
C ASP B 117 6.06 -14.48 32.70
N ARG B 118 6.38 -15.38 33.63
CA ARG B 118 5.33 -15.88 34.52
C ARG B 118 5.42 -15.24 35.91
N ASN B 119 6.45 -14.44 36.18
CA ASN B 119 6.46 -13.56 37.34
C ASN B 119 5.99 -12.16 36.95
N THR B 120 6.70 -11.51 36.04
CA THR B 120 6.46 -10.11 35.73
C THR B 120 5.37 -9.89 34.68
N PHE B 121 4.75 -10.96 34.18
CA PHE B 121 3.51 -10.94 33.41
C PHE B 121 3.62 -10.22 32.07
N ARG B 122 4.82 -9.98 31.55
CA ARG B 122 5.02 -9.13 30.39
C ARG B 122 5.38 -9.95 29.15
N HIS B 123 5.67 -9.22 28.07
CA HIS B 123 5.97 -9.81 26.76
C HIS B 123 7.47 -9.71 26.49
N SER B 124 8.07 -10.83 26.07
CA SER B 124 9.47 -10.87 25.71
C SER B 124 9.62 -11.57 24.36
N VAL B 125 10.54 -11.08 23.54
CA VAL B 125 10.75 -11.59 22.19
C VAL B 125 12.23 -12.00 22.10
N VAL B 126 12.48 -13.26 21.77
CA VAL B 126 13.83 -13.84 21.82
C VAL B 126 14.20 -14.40 20.46
N VAL B 127 15.40 -14.05 19.97
CA VAL B 127 16.03 -14.72 18.84
C VAL B 127 17.39 -15.24 19.32
N PRO B 128 17.92 -16.34 18.78
CA PRO B 128 19.29 -16.72 19.10
C PRO B 128 20.28 -15.86 18.33
N TYR B 129 21.36 -15.47 19.01
CA TYR B 129 22.35 -14.61 18.38
C TYR B 129 23.20 -15.39 17.39
N GLU B 130 23.38 -14.81 16.21
CA GLU B 130 24.30 -15.32 15.20
C GLU B 130 25.51 -14.40 15.12
N PRO B 131 26.69 -14.95 14.86
CA PRO B 131 27.88 -14.10 14.69
C PRO B 131 27.77 -13.28 13.41
N PRO B 132 28.52 -12.17 13.31
CA PRO B 132 28.51 -11.39 12.07
C PRO B 132 29.05 -12.19 10.89
N GLU B 133 28.47 -11.93 9.73
CA GLU B 133 28.72 -12.75 8.54
C GLU B 133 30.07 -12.37 7.94
N VAL B 134 30.36 -12.88 6.75
CA VAL B 134 31.60 -12.53 6.07
C VAL B 134 31.47 -11.08 5.58
N GLY B 135 32.49 -10.28 5.87
CA GLY B 135 32.48 -8.86 5.61
C GLY B 135 31.77 -8.02 6.65
N SER B 136 30.93 -8.63 7.49
CA SER B 136 30.07 -7.89 8.40
C SER B 136 30.72 -7.71 9.76
N ASP B 137 30.34 -6.63 10.43
CA ASP B 137 30.71 -6.40 11.83
C ASP B 137 29.51 -6.46 12.75
N CYS B 138 28.33 -6.78 12.24
CA CYS B 138 27.10 -6.74 13.03
C CYS B 138 26.13 -7.77 12.48
N THR B 139 25.26 -8.25 13.36
CA THR B 139 24.16 -9.12 13.00
C THR B 139 22.85 -8.34 13.15
N THR B 140 22.14 -8.15 12.03
CA THR B 140 20.92 -7.35 12.02
C THR B 140 19.71 -8.23 12.31
N ILE B 141 18.94 -7.83 13.31
CA ILE B 141 17.66 -8.47 13.64
C ILE B 141 16.55 -7.58 13.11
N HIS B 142 15.75 -8.11 12.20
CA HIS B 142 14.64 -7.37 11.60
C HIS B 142 13.45 -7.44 12.56
N TYR B 143 13.26 -6.38 13.33
CA TYR B 143 12.19 -6.31 14.32
C TYR B 143 10.90 -5.80 13.68
N ASN B 144 9.78 -6.20 14.28
CA ASN B 144 8.46 -5.77 13.83
C ASN B 144 7.62 -5.40 15.04
N TYR B 145 7.13 -4.17 15.06
CA TYR B 145 6.20 -3.71 16.09
C TYR B 145 4.79 -3.79 15.54
N MET B 146 3.84 -4.24 16.34
CA MET B 146 2.50 -4.58 15.87
C MET B 146 1.42 -3.62 16.31
N CYS B 147 1.77 -2.54 17.02
CA CYS B 147 0.82 -1.50 17.39
C CYS B 147 1.51 -0.16 17.37
N ASN B 148 0.75 0.89 17.08
CA ASN B 148 1.21 2.25 17.29
C ASN B 148 1.02 2.65 18.75
N SER B 149 1.72 3.70 19.16
CA SER B 149 1.74 4.08 20.57
C SER B 149 0.44 4.75 21.01
N SER B 150 -0.37 5.23 20.07
CA SER B 150 -1.65 5.83 20.38
C SER B 150 -2.81 4.84 20.34
N CYS B 151 -2.54 3.53 20.41
CA CYS B 151 -3.62 2.57 20.35
C CYS B 151 -4.37 2.54 21.68
N MET B 152 -5.69 2.67 21.60
CA MET B 152 -6.53 2.73 22.79
C MET B 152 -6.67 1.35 23.42
N GLY B 153 -6.29 1.24 24.70
CA GLY B 153 -6.23 -0.02 25.39
C GLY B 153 -4.87 -0.68 25.42
N GLY B 154 -3.92 -0.21 24.61
CA GLY B 154 -2.60 -0.76 24.60
C GLY B 154 -1.57 0.21 25.14
N MET B 155 -0.84 0.89 24.25
CA MET B 155 0.17 1.84 24.69
C MET B 155 -0.44 3.19 25.05
N ASN B 156 -1.41 3.66 24.26
CA ASN B 156 -2.30 4.79 24.57
C ASN B 156 -1.54 6.10 24.82
N ARG B 157 -0.83 6.54 23.78
CA ARG B 157 -0.06 7.78 23.71
C ARG B 157 1.07 7.86 24.74
N ARG B 158 1.50 6.74 25.27
CA ARG B 158 2.56 6.76 26.26
C ARG B 158 3.86 6.28 25.62
N PRO B 159 4.94 7.06 25.72
CA PRO B 159 6.19 6.68 25.06
C PRO B 159 6.83 5.49 25.73
N ILE B 160 7.36 4.58 24.92
CA ILE B 160 7.86 3.31 25.44
C ILE B 160 9.34 3.17 25.15
N LEU B 161 10.02 2.40 26.01
CA LEU B 161 11.41 2.05 25.86
C LEU B 161 11.51 0.57 25.53
N THR B 162 12.24 0.23 24.48
CA THR B 162 12.45 -1.16 24.10
C THR B 162 13.80 -1.61 24.62
N ILE B 163 13.79 -2.65 25.43
CA ILE B 163 14.97 -3.17 26.13
C ILE B 163 15.50 -4.36 25.34
N ILE B 164 16.72 -4.24 24.82
CA ILE B 164 17.38 -5.34 24.12
C ILE B 164 18.40 -5.96 25.08
N THR B 165 18.21 -7.23 25.38
CA THR B 165 19.06 -7.93 26.33
C THR B 165 19.74 -9.13 25.68
N LEU B 166 20.88 -9.51 26.25
CA LEU B 166 21.62 -10.70 25.86
C LEU B 166 21.61 -11.69 27.01
N GLU B 167 21.44 -12.97 26.69
CA GLU B 167 21.64 -14.02 27.69
C GLU B 167 22.07 -15.31 27.00
N ASP B 168 22.78 -16.12 27.79
CA ASP B 168 23.16 -17.47 27.40
C ASP B 168 21.94 -18.37 27.65
N SER B 169 22.02 -19.66 27.31
CA SER B 169 20.88 -20.58 27.38
C SER B 169 20.32 -20.80 28.78
N SER B 170 21.04 -20.43 29.84
CA SER B 170 20.52 -20.53 31.19
C SER B 170 19.68 -19.33 31.60
N GLY B 171 19.97 -18.14 31.07
CA GLY B 171 19.14 -16.98 31.30
C GLY B 171 19.76 -15.85 32.10
N ASN B 172 21.02 -15.97 32.52
CA ASN B 172 21.69 -14.91 33.26
C ASN B 172 22.08 -13.78 32.32
N LEU B 173 21.95 -12.55 32.79
CA LEU B 173 22.01 -11.39 31.91
C LEU B 173 23.46 -11.04 31.58
N LEU B 174 23.74 -10.89 30.29
CA LEU B 174 25.08 -10.56 29.81
C LEU B 174 25.23 -9.12 29.37
N GLY B 175 24.17 -8.48 28.91
CA GLY B 175 24.24 -7.10 28.49
C GLY B 175 22.87 -6.58 28.10
N ARG B 176 22.67 -5.28 28.33
CA ARG B 176 21.38 -4.65 28.11
C ARG B 176 21.55 -3.24 27.58
N ASN B 177 20.90 -2.94 26.46
CA ASN B 177 20.81 -1.59 25.96
C ASN B 177 19.34 -1.22 25.79
N SER B 178 19.05 0.05 26.03
CA SER B 178 17.69 0.54 25.98
C SER B 178 17.61 1.70 25.01
N PHE B 179 16.47 1.79 24.33
CA PHE B 179 16.23 2.86 23.38
C PHE B 179 14.73 3.12 23.34
N GLU B 180 14.37 4.41 23.25
CA GLU B 180 12.97 4.79 23.28
C GLU B 180 12.31 4.45 21.95
N VAL B 181 11.00 4.23 22.01
CA VAL B 181 10.23 3.86 20.83
C VAL B 181 8.95 4.69 20.80
N ARG B 182 8.74 5.42 19.72
CA ARG B 182 7.47 6.07 19.44
C ARG B 182 6.96 5.49 18.12
N VAL B 183 6.04 4.55 18.22
CA VAL B 183 5.40 3.96 17.07
C VAL B 183 4.13 4.73 16.73
N CYS B 184 4.10 5.32 15.53
CA CYS B 184 2.91 5.94 14.97
C CYS B 184 2.89 5.62 13.48
N ALA B 185 2.02 6.32 12.74
CA ALA B 185 1.94 6.10 11.30
C ALA B 185 3.01 6.89 10.54
N CYS B 186 3.50 7.98 11.12
CA CYS B 186 4.52 8.84 10.49
C CYS B 186 5.78 8.79 11.34
N PRO B 187 6.70 7.87 11.07
CA PRO B 187 7.91 7.79 11.91
C PRO B 187 8.90 8.92 11.68
N GLY B 188 9.18 9.25 10.41
CA GLY B 188 10.20 10.25 10.13
C GLY B 188 9.77 11.66 10.49
N ARG B 189 8.47 11.94 10.42
CA ARG B 189 7.98 13.26 10.83
C ARG B 189 7.94 13.37 12.35
N ASP B 190 7.58 12.29 13.04
CA ASP B 190 7.55 12.32 14.51
C ASP B 190 8.94 12.35 15.13
N ARG B 191 9.98 12.01 14.37
CA ARG B 191 11.33 12.34 14.82
C ARG B 191 11.55 13.84 14.77
N ARG B 192 11.02 14.50 13.73
CA ARG B 192 11.28 15.92 13.52
C ARG B 192 10.62 16.81 14.57
N THR B 193 9.40 16.48 15.03
CA THR B 193 8.78 17.32 16.04
C THR B 193 9.38 17.05 17.42
N GLU B 194 10.07 15.92 17.58
CA GLU B 194 10.81 15.66 18.80
C GLU B 194 12.27 16.09 18.72
N GLU B 195 12.77 16.41 17.52
CA GLU B 195 13.99 17.20 17.43
C GLU B 195 13.70 18.69 17.60
N GLU B 196 12.48 19.13 17.25
CA GLU B 196 12.02 20.47 17.60
C GLU B 196 11.76 20.59 19.10
N ASN B 197 11.54 19.45 19.77
CA ASN B 197 11.37 19.42 21.23
C ASN B 197 12.69 19.68 21.95
N LEU B 198 13.82 19.26 21.38
CA LEU B 198 15.08 19.39 22.09
C LEU B 198 15.71 20.77 21.96
N ARG B 199 15.46 21.47 20.86
CA ARG B 199 16.03 22.82 20.67
C ARG B 199 15.04 23.86 21.16
N LYS B 200 15.35 24.43 22.32
CA LYS B 200 14.54 25.39 23.07
C LYS B 200 14.22 26.64 22.26
N LYS B 201 13.16 27.32 22.70
CA LYS B 201 12.72 28.58 22.10
C LYS B 201 12.03 28.33 20.77
N SER C 3 -26.45 -6.80 7.54
CA SER C 3 -26.96 -8.17 7.52
C SER C 3 -27.35 -8.65 6.14
N SER C 4 -28.00 -9.81 6.11
CA SER C 4 -28.65 -10.29 4.89
C SER C 4 -29.93 -9.53 4.59
N SER C 5 -30.83 -9.43 5.57
CA SER C 5 -32.01 -8.57 5.47
C SER C 5 -31.76 -7.32 6.30
N VAL C 6 -31.12 -6.34 5.67
CA VAL C 6 -30.92 -5.04 6.33
C VAL C 6 -32.27 -4.36 6.46
N PRO C 7 -32.62 -3.88 7.66
CA PRO C 7 -33.89 -3.18 7.84
C PRO C 7 -33.92 -1.85 7.10
N SER C 8 -35.14 -1.43 6.77
CA SER C 8 -35.33 -0.27 5.91
C SER C 8 -35.07 1.04 6.67
N GLN C 9 -34.61 2.04 5.93
CA GLN C 9 -34.27 3.35 6.46
C GLN C 9 -35.22 4.45 5.99
N LYS C 10 -36.24 4.11 5.21
CA LYS C 10 -37.16 5.11 4.69
C LYS C 10 -38.08 5.63 5.79
N THR C 11 -38.39 6.92 5.74
CA THR C 11 -39.13 7.56 6.81
C THR C 11 -40.61 7.14 6.76
N TYR C 12 -41.10 6.63 7.88
CA TYR C 12 -42.46 6.13 8.02
C TYR C 12 -43.17 7.02 9.04
N GLN C 13 -44.15 7.80 8.57
CA GLN C 13 -44.95 8.65 9.44
C GLN C 13 -46.05 7.86 10.15
N GLY C 14 -46.79 7.07 9.38
CA GLY C 14 -47.91 6.33 9.92
C GLY C 14 -49.16 7.19 10.02
N SER C 15 -50.16 6.61 10.67
CA SER C 15 -51.35 7.35 11.06
C SER C 15 -51.20 8.02 12.41
N TYR C 16 -50.01 7.95 13.00
CA TYR C 16 -49.77 8.47 14.35
C TYR C 16 -49.05 9.80 14.36
N GLY C 17 -48.52 10.26 13.22
CA GLY C 17 -47.82 11.53 13.16
C GLY C 17 -46.53 11.56 13.95
N PHE C 18 -45.76 10.48 13.86
CA PHE C 18 -44.54 10.35 14.65
C PHE C 18 -43.41 11.12 13.99
N ARG C 19 -42.84 12.08 14.72
CA ARG C 19 -41.75 12.89 14.22
C ARG C 19 -40.72 13.10 15.32
N LEU C 20 -39.44 13.06 14.95
CA LEU C 20 -38.35 13.22 15.90
C LEU C 20 -38.09 14.70 16.12
N GLY C 21 -38.02 15.10 17.38
CA GLY C 21 -37.66 16.46 17.77
C GLY C 21 -36.26 16.47 18.35
N PHE C 22 -35.51 17.51 18.04
CA PHE C 22 -34.14 17.64 18.49
C PHE C 22 -33.95 19.03 19.11
N LEU C 23 -33.09 19.10 20.12
CA LEU C 23 -32.82 20.38 20.77
C LEU C 23 -32.01 21.28 19.85
N HIS C 24 -32.41 22.56 19.79
CA HIS C 24 -31.69 23.56 19.01
C HIS C 24 -30.48 24.02 19.82
N SER C 25 -29.44 23.20 19.84
CA SER C 25 -28.25 23.47 20.64
C SER C 25 -27.19 24.17 19.79
N GLY C 26 -26.25 24.83 20.46
CA GLY C 26 -25.24 25.60 19.77
C GLY C 26 -24.21 24.74 19.07
N THR C 27 -23.37 25.41 18.28
CA THR C 27 -22.31 24.77 17.49
C THR C 27 -20.94 25.01 18.09
N ALA C 28 -20.81 24.93 19.41
CA ALA C 28 -19.53 25.12 20.09
C ALA C 28 -18.58 23.97 19.79
N LYS C 29 -17.30 24.17 20.12
CA LYS C 29 -16.27 23.22 19.73
C LYS C 29 -16.37 21.90 20.50
N SER C 30 -16.92 21.94 21.70
CA SER C 30 -16.97 20.78 22.58
C SER C 30 -18.36 20.58 23.14
N VAL C 31 -19.36 20.60 22.25
CA VAL C 31 -20.75 20.37 22.68
C VAL C 31 -20.96 18.89 22.99
N THR C 32 -21.95 18.63 23.86
CA THR C 32 -22.24 17.25 24.23
C THR C 32 -23.15 16.55 23.21
N CYS C 33 -24.02 17.30 22.53
CA CYS C 33 -24.93 16.74 21.53
C CYS C 33 -25.46 17.89 20.70
N THR C 34 -25.50 17.69 19.38
CA THR C 34 -26.06 18.69 18.48
C THR C 34 -26.68 18.00 17.27
N TYR C 35 -27.55 18.73 16.57
CA TYR C 35 -28.31 18.18 15.44
C TYR C 35 -28.28 19.18 14.29
N SER C 36 -28.09 18.68 13.07
CA SER C 36 -28.13 19.54 11.89
C SER C 36 -29.47 19.39 11.21
N PRO C 37 -30.22 20.47 10.98
CA PRO C 37 -31.49 20.31 10.24
C PRO C 37 -31.30 20.12 8.75
N ALA C 38 -30.19 20.62 8.20
CA ALA C 38 -29.99 20.57 6.75
C ALA C 38 -29.60 19.18 6.27
N LEU C 39 -28.86 18.43 7.07
CA LEU C 39 -28.43 17.08 6.71
C LEU C 39 -29.15 16.00 7.50
N ASN C 40 -30.03 16.39 8.44
CA ASN C 40 -30.70 15.48 9.39
C ASN C 40 -29.67 14.63 10.15
N LYS C 41 -28.61 15.27 10.61
CA LYS C 41 -27.43 14.58 11.13
C LYS C 41 -27.19 15.01 12.56
N MET C 42 -27.30 14.05 13.49
CA MET C 42 -26.99 14.28 14.89
C MET C 42 -25.50 14.02 15.12
N PHE C 43 -24.82 14.99 15.71
CA PHE C 43 -23.42 14.86 16.09
C PHE C 43 -23.36 14.83 17.61
N CYS C 44 -22.72 13.80 18.18
CA CYS C 44 -22.66 13.67 19.63
C CYS C 44 -21.44 12.86 20.04
N GLN C 45 -21.24 12.79 21.36
CA GLN C 45 -20.07 12.19 21.97
C GLN C 45 -20.31 10.75 22.41
N LEU C 46 -19.25 10.16 22.96
CA LEU C 46 -19.31 8.85 23.56
C LEU C 46 -19.86 8.96 24.98
N ALA C 47 -20.83 8.09 25.31
CA ALA C 47 -21.41 7.93 26.65
C ALA C 47 -22.04 9.22 27.18
N LYS C 48 -22.60 10.05 26.30
CA LYS C 48 -23.18 11.31 26.72
C LYS C 48 -24.66 11.36 26.37
N THR C 49 -25.36 12.32 26.96
CA THR C 49 -26.80 12.41 26.85
C THR C 49 -27.20 12.96 25.50
N CYS C 50 -28.04 12.21 24.78
CA CYS C 50 -28.60 12.64 23.50
C CYS C 50 -30.11 12.68 23.65
N PRO C 51 -30.69 13.80 24.09
CA PRO C 51 -32.15 13.89 24.26
C PRO C 51 -32.85 13.99 22.92
N VAL C 52 -33.61 12.97 22.57
CA VAL C 52 -34.38 12.94 21.34
C VAL C 52 -35.85 13.03 21.70
N GLN C 53 -36.51 14.09 21.24
CA GLN C 53 -37.92 14.30 21.53
C GLN C 53 -38.76 13.50 20.56
N LEU C 54 -39.92 13.07 21.03
CA LEU C 54 -40.89 12.34 20.21
C LEU C 54 -42.14 13.20 20.09
N TRP C 55 -42.37 13.75 18.91
CA TRP C 55 -43.53 14.57 18.63
C TRP C 55 -44.55 13.73 17.89
N VAL C 56 -45.73 13.59 18.47
CA VAL C 56 -46.78 12.74 17.93
C VAL C 56 -48.04 13.57 17.70
N ASP C 57 -48.81 13.18 16.68
CA ASP C 57 -50.07 13.86 16.40
C ASP C 57 -51.21 13.25 17.21
N SER C 58 -51.15 11.96 17.52
CA SER C 58 -52.14 11.33 18.38
C SER C 58 -51.43 10.52 19.44
N THR C 59 -52.13 10.29 20.54
CA THR C 59 -51.57 9.52 21.64
C THR C 59 -51.69 8.03 21.34
N PRO C 60 -50.60 7.27 21.42
CA PRO C 60 -50.66 5.83 21.13
C PRO C 60 -51.31 5.07 22.28
N PRO C 61 -51.81 3.86 22.02
CA PRO C 61 -52.37 3.04 23.11
C PRO C 61 -51.28 2.57 24.06
N PRO C 62 -51.64 2.21 25.30
CA PRO C 62 -50.63 1.74 26.26
C PRO C 62 -50.00 0.42 25.85
N GLY C 63 -48.72 0.28 26.16
CA GLY C 63 -47.93 -0.85 25.74
C GLY C 63 -47.06 -0.58 24.53
N THR C 64 -47.09 0.64 24.00
CA THR C 64 -46.26 0.98 22.85
C THR C 64 -44.81 1.22 23.27
N ARG C 65 -43.88 0.91 22.37
CA ARG C 65 -42.47 0.95 22.67
C ARG C 65 -41.73 1.69 21.56
N VAL C 66 -40.52 2.14 21.87
CA VAL C 66 -39.68 2.90 20.95
C VAL C 66 -38.38 2.15 20.75
N ARG C 67 -38.13 1.65 19.53
CA ARG C 67 -36.89 0.94 19.24
C ARG C 67 -35.94 1.83 18.44
N ALA C 68 -34.70 1.91 18.91
CA ALA C 68 -33.60 2.57 18.20
C ALA C 68 -32.66 1.54 17.60
N MET C 69 -32.16 1.83 16.40
CA MET C 69 -31.22 0.96 15.70
C MET C 69 -30.31 1.81 14.82
N ALA C 70 -29.01 1.59 14.93
CA ALA C 70 -28.04 2.30 14.09
C ALA C 70 -27.65 1.43 12.89
N ILE C 71 -27.81 1.98 11.69
CA ILE C 71 -27.38 1.31 10.47
C ILE C 71 -26.39 2.21 9.74
N TYR C 72 -25.54 1.60 8.92
CA TYR C 72 -24.60 2.38 8.11
C TYR C 72 -25.33 3.13 7.01
N LYS C 73 -24.86 4.34 6.72
CA LYS C 73 -25.44 5.11 5.62
C LYS C 73 -24.92 4.64 4.27
N GLN C 74 -23.64 4.30 4.20
CA GLN C 74 -23.04 3.85 2.95
C GLN C 74 -23.52 2.45 2.60
N SER C 75 -23.74 2.22 1.30
CA SER C 75 -24.33 0.96 0.87
C SER C 75 -23.32 -0.17 0.80
N GLN C 76 -22.03 0.16 0.66
CA GLN C 76 -21.00 -0.86 0.56
C GLN C 76 -20.66 -1.47 1.92
N HIS C 77 -21.18 -0.91 3.00
CA HIS C 77 -20.91 -1.38 4.36
C HIS C 77 -22.16 -1.87 5.07
N MET C 78 -23.28 -2.01 4.35
CA MET C 78 -24.55 -2.40 4.96
C MET C 78 -24.53 -3.82 5.52
N THR C 79 -23.65 -4.69 5.02
CA THR C 79 -23.59 -6.06 5.51
C THR C 79 -22.95 -6.15 6.89
N GLU C 80 -22.18 -5.16 7.30
CA GLU C 80 -21.56 -5.15 8.62
C GLU C 80 -22.54 -4.59 9.64
N VAL C 81 -22.66 -5.26 10.78
CA VAL C 81 -23.45 -4.76 11.88
C VAL C 81 -22.75 -3.56 12.48
N VAL C 82 -23.51 -2.48 12.74
CA VAL C 82 -22.95 -1.36 13.50
C VAL C 82 -22.74 -1.83 14.92
N ARG C 83 -21.49 -2.10 15.27
CA ARG C 83 -21.13 -2.65 16.56
C ARG C 83 -20.00 -1.82 17.15
N ARG C 84 -19.73 -2.08 18.42
CA ARG C 84 -18.62 -1.41 19.09
C ARG C 84 -17.29 -2.03 18.66
N CYS C 85 -16.23 -1.23 18.77
CA CYS C 85 -14.89 -1.73 18.49
C CYS C 85 -14.48 -2.71 19.58
N PRO C 86 -13.57 -3.65 19.26
CA PRO C 86 -13.17 -4.66 20.26
C PRO C 86 -12.42 -4.08 21.45
N HIS C 87 -11.89 -2.86 21.37
CA HIS C 87 -11.35 -2.21 22.56
C HIS C 87 -12.47 -1.77 23.49
N HIS C 88 -13.44 -1.02 22.96
CA HIS C 88 -14.54 -0.51 23.77
C HIS C 88 -15.51 -1.62 24.15
N GLU C 89 -15.48 -2.76 23.46
CA GLU C 89 -16.25 -3.91 23.88
C GLU C 89 -15.72 -4.55 25.16
N ARG C 90 -14.48 -4.26 25.53
CA ARG C 90 -13.87 -4.81 26.73
C ARG C 90 -13.61 -3.78 27.83
N CYS C 91 -13.96 -2.51 27.61
CA CYS C 91 -13.81 -1.48 28.63
CA CYS C 91 -13.76 -1.56 28.68
C CYS C 91 -14.94 -1.58 29.66
N SER C 92 -14.67 -1.09 30.86
CA SER C 92 -15.66 -1.08 31.94
C SER C 92 -16.42 0.24 31.92
N ASP C 93 -17.29 0.36 30.93
CA ASP C 93 -18.12 1.55 30.75
C ASP C 93 -19.61 1.22 30.80
N SER C 94 -19.97 0.09 31.39
CA SER C 94 -21.35 -0.35 31.41
C SER C 94 -22.16 0.41 32.44
N ASP C 95 -23.40 0.73 32.08
CA ASP C 95 -24.35 1.36 33.00
C ASP C 95 -25.16 0.32 33.78
N GLY C 96 -24.79 -0.95 33.71
CA GLY C 96 -25.47 -2.00 34.42
C GLY C 96 -26.68 -2.57 33.71
N LEU C 97 -27.04 -2.04 32.55
CA LEU C 97 -28.17 -2.55 31.78
C LEU C 97 -27.83 -2.96 30.37
N ALA C 98 -26.68 -2.53 29.83
CA ALA C 98 -26.37 -2.77 28.43
C ALA C 98 -25.28 -3.81 28.29
N PRO C 99 -25.43 -4.74 27.34
CA PRO C 99 -24.29 -5.57 26.95
C PRO C 99 -23.22 -4.72 26.29
N PRO C 100 -21.94 -5.12 26.41
CA PRO C 100 -20.85 -4.24 25.96
C PRO C 100 -20.63 -4.19 24.45
N GLN C 101 -21.53 -4.71 23.63
CA GLN C 101 -21.42 -4.57 22.18
C GLN C 101 -22.41 -3.57 21.60
N HIS C 102 -23.38 -3.12 22.38
CA HIS C 102 -24.41 -2.22 21.90
C HIS C 102 -23.89 -0.79 21.80
N LEU C 103 -24.06 -0.19 20.63
CA LEU C 103 -23.65 1.20 20.46
C LEU C 103 -24.59 2.15 21.18
N ILE C 104 -25.89 1.98 21.00
CA ILE C 104 -26.90 2.88 21.54
C ILE C 104 -27.18 2.46 22.98
N ARG C 105 -27.41 3.44 23.86
CA ARG C 105 -27.87 3.22 25.22
C ARG C 105 -28.90 4.28 25.58
N VAL C 106 -29.62 4.06 26.68
CA VAL C 106 -30.63 5.00 27.17
C VAL C 106 -30.48 5.13 28.68
N GLU C 107 -30.32 6.37 29.14
CA GLU C 107 -30.28 6.68 30.57
C GLU C 107 -31.58 7.34 31.02
N GLY C 108 -31.76 7.43 32.34
CA GLY C 108 -32.92 8.08 32.89
C GLY C 108 -34.21 7.29 32.77
N ASN C 109 -34.13 5.99 32.52
CA ASN C 109 -35.31 5.15 32.36
C ASN C 109 -34.97 3.79 32.96
N LEU C 110 -35.88 3.26 33.79
CA LEU C 110 -35.65 1.96 34.41
C LEU C 110 -36.05 0.81 33.51
N ARG C 111 -36.93 1.05 32.53
CA ARG C 111 -37.58 -0.02 31.79
C ARG C 111 -36.97 -0.26 30.41
N VAL C 112 -35.66 0.00 30.24
CA VAL C 112 -35.04 -0.12 28.92
C VAL C 112 -34.83 -1.59 28.56
N GLU C 113 -35.10 -1.93 27.29
CA GLU C 113 -34.72 -3.23 26.76
C GLU C 113 -33.54 -3.09 25.81
N TYR C 114 -32.74 -4.15 25.74
CA TYR C 114 -31.67 -4.29 24.77
C TYR C 114 -31.87 -5.60 24.01
N LEU C 115 -31.67 -5.56 22.69
CA LEU C 115 -32.00 -6.70 21.85
C LEU C 115 -30.86 -7.00 20.89
N ASP C 116 -30.44 -8.27 20.87
CA ASP C 116 -29.69 -8.85 19.77
C ASP C 116 -30.68 -9.66 18.93
N ASP C 117 -31.13 -9.09 17.81
CA ASP C 117 -32.15 -9.73 17.01
C ASP C 117 -31.59 -10.96 16.32
N ARG C 118 -32.44 -11.97 16.14
CA ARG C 118 -31.91 -13.32 15.92
C ARG C 118 -31.99 -13.73 14.45
N ASN C 119 -32.63 -12.91 13.60
CA ASN C 119 -32.51 -13.06 12.16
C ASN C 119 -31.43 -12.13 11.63
N THR C 120 -31.59 -10.83 11.81
CA THR C 120 -30.74 -9.83 11.17
C THR C 120 -29.46 -9.53 11.97
N PHE C 121 -29.26 -10.18 13.12
CA PHE C 121 -27.99 -10.26 13.85
C PHE C 121 -27.51 -8.91 14.40
N ARG C 122 -28.38 -7.90 14.49
CA ARG C 122 -27.96 -6.55 14.80
C ARG C 122 -28.36 -6.15 16.21
N HIS C 123 -28.09 -4.89 16.53
CA HIS C 123 -28.35 -4.32 17.86
C HIS C 123 -29.57 -3.42 17.81
N SER C 124 -30.48 -3.61 18.77
CA SER C 124 -31.67 -2.78 18.89
C SER C 124 -31.82 -2.33 20.34
N VAL C 125 -32.25 -1.09 20.53
CA VAL C 125 -32.39 -0.50 21.85
C VAL C 125 -33.83 -0.04 21.99
N VAL C 126 -34.53 -0.53 23.02
CA VAL C 126 -35.96 -0.34 23.18
C VAL C 126 -36.25 0.32 24.52
N VAL C 127 -37.06 1.38 24.51
CA VAL C 127 -37.68 1.92 25.73
C VAL C 127 -39.19 1.90 25.52
N PRO C 128 -40.01 1.77 26.56
CA PRO C 128 -41.45 1.94 26.39
C PRO C 128 -41.81 3.42 26.29
N TYR C 129 -42.74 3.73 25.39
CA TYR C 129 -43.13 5.12 25.20
C TYR C 129 -44.00 5.61 26.34
N GLU C 130 -43.68 6.80 26.84
CA GLU C 130 -44.49 7.50 27.81
C GLU C 130 -45.17 8.69 27.13
N PRO C 131 -46.39 9.03 27.53
CA PRO C 131 -47.05 10.22 26.97
C PRO C 131 -46.35 11.49 27.42
N PRO C 132 -46.52 12.60 26.70
CA PRO C 132 -45.93 13.87 27.14
C PRO C 132 -46.50 14.32 28.47
N GLU C 133 -45.64 14.94 29.28
CA GLU C 133 -45.96 15.27 30.65
C GLU C 133 -46.88 16.49 30.71
N VAL C 134 -47.11 17.02 31.90
CA VAL C 134 -47.92 18.23 32.03
C VAL C 134 -47.10 19.41 31.50
N GLY C 135 -47.72 20.20 30.63
CA GLY C 135 -47.05 21.28 29.93
C GLY C 135 -46.29 20.85 28.69
N SER C 136 -45.98 19.57 28.55
CA SER C 136 -45.09 19.09 27.50
C SER C 136 -45.86 18.66 26.27
N ASP C 137 -45.22 18.77 25.11
CA ASP C 137 -45.72 18.23 23.86
C ASP C 137 -44.89 17.07 23.35
N CYS C 138 -43.87 16.66 24.09
CA CYS C 138 -42.94 15.64 23.63
C CYS C 138 -42.39 14.87 24.82
N THR C 139 -41.99 13.63 24.57
CA THR C 139 -41.32 12.80 25.56
C THR C 139 -39.87 12.62 25.11
N THR C 140 -38.94 13.12 25.91
CA THR C 140 -37.52 13.10 25.58
C THR C 140 -36.87 11.81 26.07
N ILE C 141 -36.22 11.09 25.15
CA ILE C 141 -35.44 9.92 25.46
C ILE C 141 -33.97 10.31 25.44
N HIS C 142 -33.29 10.16 26.58
CA HIS C 142 -31.88 10.52 26.70
C HIS C 142 -31.06 9.35 26.17
N TYR C 143 -30.60 9.47 24.93
CA TYR C 143 -29.82 8.42 24.27
C TYR C 143 -28.35 8.56 24.60
N ASN C 144 -27.63 7.44 24.54
CA ASN C 144 -26.20 7.40 24.78
C ASN C 144 -25.55 6.52 23.74
N TYR C 145 -24.60 7.07 22.99
CA TYR C 145 -23.80 6.31 22.04
C TYR C 145 -22.46 5.98 22.69
N MET C 146 -21.99 4.75 22.49
CA MET C 146 -20.85 4.23 23.24
C MET C 146 -19.58 4.09 22.41
N CYS C 147 -19.58 4.51 21.16
CA CYS C 147 -18.38 4.52 20.34
C CYS C 147 -18.43 5.71 19.38
N ASN C 148 -17.25 6.22 19.04
CA ASN C 148 -17.14 7.17 17.96
C ASN C 148 -17.10 6.44 16.62
N SER C 149 -17.35 7.18 15.54
CA SER C 149 -17.49 6.57 14.24
C SER C 149 -16.15 6.14 13.65
N SER C 150 -15.05 6.67 14.16
CA SER C 150 -13.73 6.29 13.69
C SER C 150 -13.11 5.16 14.50
N CYS C 151 -13.91 4.39 15.24
CA CYS C 151 -13.35 3.32 16.05
C CYS C 151 -12.97 2.14 15.16
N MET C 152 -11.73 1.68 15.31
CA MET C 152 -11.22 0.61 14.46
C MET C 152 -11.79 -0.73 14.88
N GLY C 153 -12.44 -1.42 13.94
CA GLY C 153 -13.16 -2.64 14.21
C GLY C 153 -14.65 -2.47 14.43
N GLY C 154 -15.11 -1.24 14.62
CA GLY C 154 -16.53 -0.99 14.82
C GLY C 154 -17.14 -0.24 13.65
N MET C 155 -17.31 1.07 13.80
CA MET C 155 -17.89 1.87 12.73
C MET C 155 -16.86 2.24 11.67
N ASN C 156 -15.64 2.61 12.10
CA ASN C 156 -14.45 2.74 11.25
C ASN C 156 -14.63 3.77 10.14
N ARG C 157 -14.85 5.02 10.56
CA ARG C 157 -14.99 6.21 9.71
C ARG C 157 -16.18 6.13 8.75
N ARG C 158 -17.13 5.26 9.00
CA ARG C 158 -18.27 5.14 8.10
C ARG C 158 -19.48 5.83 8.72
N PRO C 159 -20.13 6.75 8.01
CA PRO C 159 -21.27 7.47 8.60
C PRO C 159 -22.47 6.57 8.76
N ILE C 160 -23.16 6.72 9.89
CA ILE C 160 -24.23 5.81 10.24
C ILE C 160 -25.55 6.57 10.37
N LEU C 161 -26.63 5.85 10.12
CA LEU C 161 -27.99 6.33 10.28
C LEU C 161 -28.63 5.62 11.46
N THR C 162 -29.20 6.39 12.38
CA THR C 162 -29.90 5.82 13.53
C THR C 162 -31.39 5.82 13.25
N ILE C 163 -31.98 4.63 13.30
CA ILE C 163 -33.38 4.41 12.96
C ILE C 163 -34.19 4.36 14.25
N ILE C 164 -35.11 5.31 14.41
CA ILE C 164 -36.01 5.32 15.55
C ILE C 164 -37.36 4.79 15.09
N THR C 165 -37.80 3.71 15.70
CA THR C 165 -39.04 3.03 15.32
C THR C 165 -40.00 2.98 16.48
N LEU C 166 -41.29 2.89 16.15
CA LEU C 166 -42.37 2.71 17.11
C LEU C 166 -43.01 1.34 16.87
N GLU C 167 -43.33 0.64 17.96
CA GLU C 167 -44.14 -0.57 17.85
C GLU C 167 -44.94 -0.78 19.12
N ASP C 168 -46.06 -1.48 18.96
CA ASP C 168 -46.89 -1.93 20.07
C ASP C 168 -46.24 -3.21 20.60
N SER C 169 -46.77 -3.80 21.67
CA SER C 169 -46.18 -4.95 22.36
C SER C 169 -46.05 -6.20 21.50
N SER C 170 -46.76 -6.30 20.37
CA SER C 170 -46.61 -7.44 19.49
C SER C 170 -45.44 -7.29 18.51
N GLY C 171 -45.10 -6.06 18.12
CA GLY C 171 -43.92 -5.83 17.30
C GLY C 171 -44.15 -5.33 15.89
N ASN C 172 -45.41 -5.10 15.50
CA ASN C 172 -45.71 -4.56 14.18
C ASN C 172 -45.39 -3.07 14.12
N LEU C 173 -44.85 -2.64 12.99
CA LEU C 173 -44.24 -1.31 12.91
C LEU C 173 -45.31 -0.23 12.75
N LEU C 174 -45.22 0.80 13.59
CA LEU C 174 -46.17 1.90 13.58
C LEU C 174 -45.61 3.18 12.98
N GLY C 175 -44.30 3.39 13.06
CA GLY C 175 -43.70 4.57 12.48
C GLY C 175 -42.19 4.53 12.62
N ARG C 176 -41.52 5.14 11.64
CA ARG C 176 -40.07 5.10 11.58
C ARG C 176 -39.53 6.41 11.05
N ASN C 177 -38.60 7.01 11.80
CA ASN C 177 -37.85 8.15 11.33
C ASN C 177 -36.37 7.83 11.41
N SER C 178 -35.62 8.37 10.44
CA SER C 178 -34.19 8.11 10.35
C SER C 178 -33.44 9.42 10.35
N PHE C 179 -32.25 9.39 10.96
CA PHE C 179 -31.39 10.55 11.03
C PHE C 179 -29.96 10.08 11.08
N GLU C 180 -29.08 10.79 10.37
CA GLU C 180 -27.69 10.40 10.29
C GLU C 180 -26.97 10.70 11.60
N VAL C 181 -25.92 9.94 11.87
CA VAL C 181 -25.15 10.08 13.10
C VAL C 181 -23.67 10.05 12.75
N ARG C 182 -22.96 11.11 13.14
CA ARG C 182 -21.50 11.13 13.09
C ARG C 182 -21.02 11.34 14.52
N VAL C 183 -20.63 10.26 15.16
CA VAL C 183 -20.07 10.30 16.51
C VAL C 183 -18.55 10.43 16.44
N CYS C 184 -18.04 11.54 16.96
CA CYS C 184 -16.60 11.76 17.15
C CYS C 184 -16.42 12.46 18.48
N ALA C 185 -15.21 12.98 18.71
CA ALA C 185 -14.93 13.69 19.95
C ALA C 185 -15.39 15.14 19.90
N CYS C 186 -15.49 15.72 18.69
CA CYS C 186 -15.90 17.11 18.50
C CYS C 186 -17.21 17.13 17.71
N PRO C 187 -18.36 17.12 18.40
CA PRO C 187 -19.63 17.09 17.64
C PRO C 187 -19.99 18.40 16.98
N GLY C 188 -19.83 19.52 17.69
CA GLY C 188 -20.26 20.81 17.14
C GLY C 188 -19.36 21.29 16.02
N ARG C 189 -18.07 20.94 16.07
CA ARG C 189 -17.18 21.31 14.97
C ARG C 189 -17.40 20.43 13.75
N ASP C 190 -17.68 19.13 13.97
CA ASP C 190 -17.94 18.24 12.83
C ASP C 190 -19.28 18.50 12.17
N ARG C 191 -20.19 19.23 12.82
CA ARG C 191 -21.33 19.75 12.10
C ARG C 191 -20.90 20.87 11.16
N ARG C 192 -19.94 21.68 11.60
CA ARG C 192 -19.52 22.85 10.81
C ARG C 192 -18.78 22.48 9.53
N THR C 193 -17.93 21.44 9.55
CA THR C 193 -17.24 21.07 8.31
C THR C 193 -18.17 20.31 7.37
N GLU C 194 -19.28 19.79 7.89
CA GLU C 194 -20.30 19.20 7.02
C GLU C 194 -21.39 20.19 6.62
N GLU C 195 -21.45 21.36 7.26
CA GLU C 195 -22.17 22.48 6.68
C GLU C 195 -21.32 23.20 5.64
N GLU C 196 -20.00 23.16 5.78
CA GLU C 196 -19.10 23.59 4.71
C GLU C 196 -19.13 22.63 3.53
N ASN C 197 -19.55 21.38 3.77
CA ASN C 197 -19.70 20.39 2.71
C ASN C 197 -20.91 20.70 1.83
N LEU C 198 -21.97 21.29 2.39
CA LEU C 198 -23.18 21.50 1.60
C LEU C 198 -23.12 22.75 0.74
N ARG C 199 -22.39 23.78 1.16
CA ARG C 199 -22.29 25.02 0.38
C ARG C 199 -21.07 24.95 -0.53
N LYS C 200 -21.28 24.37 -1.72
CA LYS C 200 -20.19 24.03 -2.64
C LYS C 200 -20.73 23.72 -4.03
N VAL D 6 -25.03 -11.37 -29.54
CA VAL D 6 -24.20 -10.40 -28.83
C VAL D 6 -24.84 -9.03 -28.97
N PRO D 7 -25.02 -8.31 -27.86
CA PRO D 7 -25.59 -6.96 -27.94
C PRO D 7 -24.66 -5.98 -28.64
N SER D 8 -25.26 -4.94 -29.22
CA SER D 8 -24.54 -4.01 -30.07
C SER D 8 -23.68 -3.06 -29.25
N GLN D 9 -22.57 -2.63 -29.86
CA GLN D 9 -21.59 -1.75 -29.24
C GLN D 9 -21.56 -0.37 -29.87
N LYS D 10 -22.42 -0.10 -30.85
CA LYS D 10 -22.40 1.18 -31.53
C LYS D 10 -22.99 2.27 -30.66
N THR D 11 -22.41 3.47 -30.74
CA THR D 11 -22.79 4.55 -29.84
C THR D 11 -24.15 5.10 -30.21
N TYR D 12 -25.06 5.13 -29.23
CA TYR D 12 -26.42 5.60 -29.38
C TYR D 12 -26.61 6.83 -28.52
N GLN D 13 -26.78 7.99 -29.16
CA GLN D 13 -27.03 9.24 -28.47
C GLN D 13 -28.48 9.37 -28.03
N GLY D 14 -29.41 9.12 -28.95
CA GLY D 14 -30.81 9.27 -28.67
C GLY D 14 -31.26 10.72 -28.82
N SER D 15 -32.50 10.95 -28.41
CA SER D 15 -33.02 12.30 -28.27
C SER D 15 -32.74 12.89 -26.90
N TYR D 16 -31.98 12.18 -26.07
CA TYR D 16 -31.70 12.59 -24.70
C TYR D 16 -30.33 13.22 -24.51
N GLY D 17 -29.44 13.11 -25.50
CA GLY D 17 -28.11 13.68 -25.39
C GLY D 17 -27.25 13.01 -24.35
N PHE D 18 -27.30 11.68 -24.28
CA PHE D 18 -26.59 10.92 -23.27
C PHE D 18 -25.12 10.77 -23.65
N ARG D 19 -24.23 11.26 -22.80
CA ARG D 19 -22.80 11.19 -23.04
C ARG D 19 -22.08 10.85 -21.74
N LEU D 20 -21.06 10.00 -21.83
CA LEU D 20 -20.29 9.56 -20.67
C LEU D 20 -19.22 10.60 -20.38
N GLY D 21 -19.15 11.02 -19.12
CA GLY D 21 -18.10 11.90 -18.64
C GLY D 21 -17.13 11.13 -17.78
N PHE D 22 -15.85 11.46 -17.91
CA PHE D 22 -14.80 10.79 -17.16
C PHE D 22 -13.91 11.83 -16.50
N LEU D 23 -13.39 11.48 -15.32
CA LEU D 23 -12.50 12.39 -14.60
C LEU D 23 -11.16 12.50 -15.32
N HIS D 24 -10.67 13.74 -15.43
CA HIS D 24 -9.36 14.00 -16.03
C HIS D 24 -8.30 13.72 -14.97
N SER D 25 -8.00 12.44 -14.75
CA SER D 25 -7.07 12.01 -13.71
C SER D 25 -5.68 11.83 -14.30
N GLY D 26 -4.67 11.86 -13.44
CA GLY D 26 -3.29 11.78 -13.88
C GLY D 26 -2.92 10.39 -14.37
N THR D 27 -1.72 10.31 -14.94
CA THR D 27 -1.16 9.08 -15.50
C THR D 27 -0.06 8.50 -14.62
N ALA D 28 -0.26 8.52 -13.30
CA ALA D 28 0.73 7.97 -12.37
C ALA D 28 0.79 6.45 -12.49
N LYS D 29 1.83 5.87 -11.88
CA LYS D 29 2.11 4.45 -12.07
C LYS D 29 1.09 3.57 -11.36
N SER D 30 0.47 4.06 -10.30
CA SER D 30 -0.44 3.27 -9.48
C SER D 30 -1.74 4.04 -9.24
N VAL D 31 -2.34 4.56 -10.32
CA VAL D 31 -3.61 5.27 -10.19
C VAL D 31 -4.74 4.28 -9.96
N THR D 32 -5.82 4.77 -9.33
CA THR D 32 -6.96 3.90 -9.06
C THR D 32 -7.90 3.78 -10.25
N CYS D 33 -7.99 4.82 -11.08
CA CYS D 33 -8.84 4.83 -12.27
C CYS D 33 -8.39 5.96 -13.18
N THR D 34 -8.31 5.68 -14.48
CA THR D 34 -7.98 6.69 -15.46
C THR D 34 -8.66 6.39 -16.78
N TYR D 35 -8.75 7.40 -17.64
CA TYR D 35 -9.45 7.30 -18.90
C TYR D 35 -8.62 7.95 -20.01
N SER D 36 -8.55 7.30 -21.16
CA SER D 36 -7.85 7.86 -22.31
C SER D 36 -8.86 8.48 -23.26
N PRO D 37 -8.72 9.75 -23.63
CA PRO D 37 -9.66 10.31 -24.62
C PRO D 37 -9.36 9.88 -26.03
N ALA D 38 -8.11 9.52 -26.33
CA ALA D 38 -7.73 9.22 -27.70
C ALA D 38 -8.20 7.83 -28.13
N LEU D 39 -8.24 6.87 -27.19
CA LEU D 39 -8.68 5.52 -27.48
C LEU D 39 -10.04 5.19 -26.89
N ASN D 40 -10.65 6.14 -26.15
CA ASN D 40 -11.88 5.95 -25.38
C ASN D 40 -11.76 4.74 -24.45
N LYS D 41 -10.63 4.65 -23.75
CA LYS D 41 -10.25 3.46 -23.01
C LYS D 41 -10.06 3.81 -21.55
N MET D 42 -10.90 3.23 -20.68
CA MET D 42 -10.76 3.38 -19.25
C MET D 42 -9.84 2.29 -18.71
N PHE D 43 -8.81 2.71 -17.96
CA PHE D 43 -7.89 1.80 -17.31
C PHE D 43 -8.13 1.92 -15.81
N CYS D 44 -8.38 0.79 -15.14
CA CYS D 44 -8.68 0.82 -13.72
C CYS D 44 -8.31 -0.51 -13.06
N GLN D 45 -8.43 -0.54 -11.74
CA GLN D 45 -8.02 -1.65 -10.91
C GLN D 45 -9.17 -2.58 -10.56
N LEU D 46 -8.82 -3.62 -9.80
CA LEU D 46 -9.80 -4.56 -9.25
C LEU D 46 -10.39 -3.98 -7.98
N ALA D 47 -11.73 -4.03 -7.89
CA ALA D 47 -12.51 -3.64 -6.70
C ALA D 47 -12.30 -2.20 -6.29
N LYS D 48 -12.06 -1.30 -7.25
CA LYS D 48 -11.79 0.10 -6.93
C LYS D 48 -12.83 0.99 -7.60
N THR D 49 -12.88 2.24 -7.13
CA THR D 49 -13.91 3.17 -7.55
C THR D 49 -13.63 3.70 -8.95
N CYS D 50 -14.61 3.53 -9.84
CA CYS D 50 -14.55 4.06 -11.20
C CYS D 50 -15.71 5.04 -11.38
N PRO D 51 -15.53 6.31 -11.04
CA PRO D 51 -16.63 7.28 -11.18
C PRO D 51 -16.86 7.64 -12.64
N VAL D 52 -18.02 7.25 -13.16
CA VAL D 52 -18.41 7.55 -14.53
C VAL D 52 -19.54 8.57 -14.48
N GLN D 53 -19.30 9.74 -15.04
CA GLN D 53 -20.30 10.80 -15.06
C GLN D 53 -21.27 10.58 -16.21
N LEU D 54 -22.52 11.00 -16.00
CA LEU D 54 -23.55 10.92 -17.02
C LEU D 54 -23.96 12.33 -17.37
N TRP D 55 -23.58 12.77 -18.58
CA TRP D 55 -23.91 14.10 -19.08
C TRP D 55 -25.08 13.96 -20.04
N VAL D 56 -26.18 14.65 -19.71
CA VAL D 56 -27.41 14.54 -20.48
C VAL D 56 -27.83 15.93 -20.95
N ASP D 57 -28.47 15.98 -22.12
CA ASP D 57 -28.96 17.25 -22.65
C ASP D 57 -30.36 17.56 -22.11
N SER D 58 -31.15 16.54 -21.82
CA SER D 58 -32.46 16.75 -21.20
C SER D 58 -32.61 15.80 -20.03
N THR D 59 -33.50 16.17 -19.11
CA THR D 59 -33.73 15.35 -17.93
C THR D 59 -34.69 14.22 -18.28
N PRO D 60 -34.34 12.97 -17.99
CA PRO D 60 -35.22 11.85 -18.32
C PRO D 60 -36.39 11.78 -17.35
N PRO D 61 -37.48 11.10 -17.73
CA PRO D 61 -38.61 10.92 -16.79
C PRO D 61 -38.24 10.00 -15.64
N PRO D 62 -38.95 10.08 -14.51
CA PRO D 62 -38.63 9.21 -13.37
C PRO D 62 -38.91 7.74 -13.66
N GLY D 63 -38.06 6.89 -13.10
CA GLY D 63 -38.08 5.47 -13.38
C GLY D 63 -37.03 5.01 -14.35
N THR D 64 -36.21 5.92 -14.86
CA THR D 64 -35.16 5.55 -15.80
C THR D 64 -33.98 4.92 -15.08
N ARG D 65 -33.30 4.00 -15.77
CA ARG D 65 -32.24 3.21 -15.18
C ARG D 65 -31.02 3.22 -16.10
N VAL D 66 -29.87 2.86 -15.52
CA VAL D 66 -28.59 2.85 -16.23
C VAL D 66 -28.02 1.44 -16.16
N ARG D 67 -27.93 0.77 -17.31
CA ARG D 67 -27.37 -0.58 -17.35
C ARG D 67 -25.95 -0.55 -17.92
N ALA D 68 -25.03 -1.19 -17.19
CA ALA D 68 -23.66 -1.42 -17.63
C ALA D 68 -23.47 -2.88 -18.05
N MET D 69 -22.69 -3.08 -19.11
CA MET D 69 -22.39 -4.42 -19.62
C MET D 69 -21.01 -4.40 -20.26
N ALA D 70 -20.16 -5.36 -19.88
CA ALA D 70 -18.84 -5.49 -20.49
C ALA D 70 -18.87 -6.54 -21.59
N ILE D 71 -18.43 -6.16 -22.79
CA ILE D 71 -18.29 -7.08 -23.91
C ILE D 71 -16.85 -7.06 -24.39
N TYR D 72 -16.43 -8.14 -25.03
CA TYR D 72 -15.09 -8.21 -25.60
C TYR D 72 -14.99 -7.28 -26.81
N LYS D 73 -13.82 -6.67 -26.98
CA LYS D 73 -13.61 -5.83 -28.16
C LYS D 73 -13.25 -6.67 -29.38
N GLN D 74 -12.47 -7.73 -29.18
CA GLN D 74 -12.07 -8.60 -30.29
C GLN D 74 -13.24 -9.44 -30.76
N SER D 75 -13.32 -9.63 -32.07
CA SER D 75 -14.47 -10.31 -32.65
C SER D 75 -14.38 -11.82 -32.53
N GLN D 76 -13.16 -12.36 -32.39
CA GLN D 76 -12.99 -13.80 -32.28
C GLN D 76 -13.35 -14.34 -30.91
N HIS D 77 -13.60 -13.45 -29.93
CA HIS D 77 -13.92 -13.85 -28.57
C HIS D 77 -15.30 -13.37 -28.14
N MET D 78 -16.12 -12.90 -29.08
CA MET D 78 -17.45 -12.35 -28.76
C MET D 78 -18.40 -13.41 -28.24
N THR D 79 -18.18 -14.69 -28.57
CA THR D 79 -19.06 -15.75 -28.10
C THR D 79 -18.89 -16.05 -26.62
N GLU D 80 -17.75 -15.69 -26.03
CA GLU D 80 -17.50 -15.91 -24.62
C GLU D 80 -18.08 -14.75 -23.81
N VAL D 81 -18.80 -15.08 -22.73
CA VAL D 81 -19.29 -14.07 -21.82
C VAL D 81 -18.12 -13.48 -21.05
N VAL D 82 -18.08 -12.16 -20.94
CA VAL D 82 -17.10 -11.52 -20.07
C VAL D 82 -17.49 -11.86 -18.64
N ARG D 83 -16.75 -12.79 -18.04
CA ARG D 83 -17.05 -13.30 -16.71
C ARG D 83 -15.77 -13.26 -15.88
N ARG D 84 -15.95 -13.49 -14.59
CA ARG D 84 -14.81 -13.55 -13.69
C ARG D 84 -14.10 -14.89 -13.84
N CYS D 85 -12.81 -14.90 -13.49
CA CYS D 85 -12.04 -16.12 -13.49
C CYS D 85 -12.53 -17.04 -12.36
N PRO D 86 -12.36 -18.36 -12.51
CA PRO D 86 -12.85 -19.27 -11.45
C PRO D 86 -12.13 -19.15 -10.11
N HIS D 87 -10.96 -18.52 -10.07
CA HIS D 87 -10.36 -18.20 -8.78
C HIS D 87 -11.10 -17.06 -8.09
N HIS D 88 -11.28 -15.94 -8.81
CA HIS D 88 -11.97 -14.79 -8.24
C HIS D 88 -13.46 -15.02 -8.09
N GLU D 89 -14.01 -16.02 -8.78
CA GLU D 89 -15.40 -16.40 -8.56
C GLU D 89 -15.60 -17.07 -7.20
N ARG D 90 -14.54 -17.56 -6.57
CA ARG D 90 -14.63 -18.23 -5.29
C ARG D 90 -14.00 -17.45 -4.14
N CYS D 91 -13.44 -16.26 -4.40
CA CYS D 91 -12.87 -15.43 -3.35
CA CYS D 91 -12.88 -15.52 -3.29
C CYS D 91 -13.97 -14.69 -2.60
N SER D 92 -13.68 -14.35 -1.34
CA SER D 92 -14.62 -13.61 -0.49
C SER D 92 -14.39 -12.11 -0.65
N ASP D 93 -14.80 -11.60 -1.81
CA ASP D 93 -14.67 -10.19 -2.13
C ASP D 93 -16.02 -9.54 -2.40
N SER D 94 -17.10 -10.15 -1.91
CA SER D 94 -18.44 -9.65 -2.21
C SER D 94 -18.77 -8.43 -1.35
N ASP D 95 -19.46 -7.47 -1.95
CA ASP D 95 -19.96 -6.29 -1.25
C ASP D 95 -21.35 -6.52 -0.67
N GLY D 96 -21.84 -7.75 -0.69
CA GLY D 96 -23.15 -8.09 -0.17
C GLY D 96 -24.30 -7.89 -1.12
N LEU D 97 -24.05 -7.37 -2.32
CA LEU D 97 -25.09 -7.18 -3.32
C LEU D 97 -24.82 -7.87 -4.64
N ALA D 98 -23.58 -8.29 -4.92
CA ALA D 98 -23.24 -8.83 -6.22
C ALA D 98 -23.02 -10.33 -6.16
N PRO D 99 -23.55 -11.08 -7.13
CA PRO D 99 -23.12 -12.47 -7.29
C PRO D 99 -21.66 -12.52 -7.69
N PRO D 100 -20.95 -13.60 -7.31
CA PRO D 100 -19.49 -13.62 -7.50
C PRO D 100 -19.01 -13.89 -8.93
N GLN D 101 -19.89 -13.86 -9.93
CA GLN D 101 -19.46 -13.97 -11.32
C GLN D 101 -19.48 -12.65 -12.07
N HIS D 102 -20.10 -11.62 -11.50
CA HIS D 102 -20.25 -10.34 -12.18
C HIS D 102 -18.94 -9.55 -12.13
N LEU D 103 -18.49 -9.10 -13.30
CA LEU D 103 -17.29 -8.29 -13.36
C LEU D 103 -17.55 -6.89 -12.83
N ILE D 104 -18.61 -6.25 -13.29
CA ILE D 104 -18.92 -4.87 -12.95
C ILE D 104 -19.66 -4.85 -11.62
N ARG D 105 -19.38 -3.85 -10.78
CA ARG D 105 -20.13 -3.59 -9.56
C ARG D 105 -20.31 -2.08 -9.40
N VAL D 106 -21.19 -1.69 -8.48
CA VAL D 106 -21.48 -0.29 -8.20
C VAL D 106 -21.56 -0.09 -6.69
N GLU D 107 -20.75 0.83 -6.18
CA GLU D 107 -20.78 1.22 -4.77
C GLU D 107 -21.44 2.57 -4.59
N GLY D 108 -21.76 2.90 -3.34
CA GLY D 108 -22.35 4.19 -3.02
C GLY D 108 -23.79 4.34 -3.44
N ASN D 109 -24.50 3.24 -3.70
CA ASN D 109 -25.89 3.27 -4.11
C ASN D 109 -26.59 2.08 -3.48
N LEU D 110 -27.75 2.31 -2.86
CA LEU D 110 -28.48 1.21 -2.24
C LEU D 110 -29.35 0.45 -3.23
N ARG D 111 -29.70 1.05 -4.37
CA ARG D 111 -30.72 0.52 -5.25
C ARG D 111 -30.15 -0.19 -6.47
N VAL D 112 -28.97 -0.80 -6.37
CA VAL D 112 -28.33 -1.42 -7.52
C VAL D 112 -29.02 -2.74 -7.87
N GLU D 113 -29.21 -3.00 -9.17
CA GLU D 113 -29.63 -4.32 -9.62
C GLU D 113 -28.46 -5.04 -10.30
N TYR D 114 -28.49 -6.36 -10.22
CA TYR D 114 -27.59 -7.23 -10.95
C TYR D 114 -28.41 -8.23 -11.76
N LEU D 115 -28.00 -8.47 -13.00
CA LEU D 115 -28.81 -9.26 -13.92
C LEU D 115 -27.96 -10.30 -14.63
N ASP D 116 -28.41 -11.55 -14.57
CA ASP D 116 -28.01 -12.59 -15.51
C ASP D 116 -29.11 -12.72 -16.56
N ASP D 117 -28.90 -12.13 -17.73
CA ASP D 117 -29.94 -12.10 -18.75
C ASP D 117 -30.15 -13.50 -19.32
N ARG D 118 -31.40 -13.79 -19.70
CA ARG D 118 -31.78 -15.19 -19.83
C ARG D 118 -31.84 -15.63 -21.29
N ASN D 119 -31.67 -14.71 -22.23
CA ASN D 119 -31.41 -15.06 -23.62
C ASN D 119 -29.91 -15.06 -23.91
N THR D 120 -29.26 -13.91 -23.72
CA THR D 120 -27.88 -13.72 -24.14
C THR D 120 -26.87 -14.16 -23.09
N PHE D 121 -27.31 -14.66 -21.94
CA PHE D 121 -26.52 -15.41 -20.96
C PHE D 121 -25.41 -14.59 -20.31
N ARG D 122 -25.47 -13.25 -20.37
CA ARG D 122 -24.37 -12.40 -19.96
C ARG D 122 -24.68 -11.68 -18.65
N HIS D 123 -23.75 -10.82 -18.26
CA HIS D 123 -23.83 -10.07 -17.00
C HIS D 123 -24.20 -8.62 -17.28
N SER D 124 -25.19 -8.11 -16.55
CA SER D 124 -25.61 -6.72 -16.67
C SER D 124 -25.70 -6.12 -15.27
N VAL D 125 -25.31 -4.85 -15.16
CA VAL D 125 -25.27 -4.15 -13.88
C VAL D 125 -26.13 -2.89 -14.03
N VAL D 126 -27.15 -2.74 -13.19
CA VAL D 126 -28.15 -1.69 -13.33
C VAL D 126 -28.21 -0.86 -12.07
N VAL D 127 -28.17 0.47 -12.23
CA VAL D 127 -28.52 1.42 -11.16
C VAL D 127 -29.65 2.29 -11.68
N PRO D 128 -30.55 2.81 -10.83
CA PRO D 128 -31.51 3.80 -11.31
C PRO D 128 -30.86 5.16 -11.45
N TYR D 129 -31.20 5.87 -12.51
CA TYR D 129 -30.61 7.17 -12.76
C TYR D 129 -31.18 8.22 -11.82
N GLU D 130 -30.30 9.02 -11.23
CA GLU D 130 -30.65 10.18 -10.45
C GLU D 130 -30.32 11.45 -11.23
N PRO D 131 -31.11 12.50 -11.09
CA PRO D 131 -30.78 13.78 -11.76
C PRO D 131 -29.54 14.40 -11.14
N PRO D 132 -28.86 15.29 -11.86
CA PRO D 132 -27.70 15.98 -11.28
C PRO D 132 -28.09 16.83 -10.08
N GLU D 133 -27.20 16.89 -9.11
CA GLU D 133 -27.49 17.50 -7.82
C GLU D 133 -27.45 19.03 -7.94
N VAL D 134 -27.51 19.72 -6.81
CA VAL D 134 -27.39 21.17 -6.83
C VAL D 134 -25.95 21.53 -7.16
N GLY D 135 -25.78 22.45 -8.11
CA GLY D 135 -24.48 22.80 -8.65
C GLY D 135 -23.94 21.86 -9.71
N SER D 136 -24.46 20.64 -9.79
CA SER D 136 -23.89 19.61 -10.65
C SER D 136 -24.53 19.61 -12.02
N ASP D 137 -23.76 19.16 -13.01
CA ASP D 137 -24.27 18.90 -14.36
C ASP D 137 -24.25 17.42 -14.70
N CYS D 138 -23.86 16.56 -13.77
CA CYS D 138 -23.69 15.15 -14.04
C CYS D 138 -23.96 14.35 -12.78
N THR D 139 -24.38 13.10 -12.96
CA THR D 139 -24.55 12.15 -11.88
C THR D 139 -23.47 11.08 -12.01
N THR D 140 -22.59 10.99 -11.02
CA THR D 140 -21.46 10.08 -11.04
C THR D 140 -21.85 8.73 -10.45
N ILE D 141 -21.63 7.67 -11.24
CA ILE D 141 -21.82 6.30 -10.78
C ILE D 141 -20.45 5.71 -10.49
N HIS D 142 -20.22 5.33 -9.24
CA HIS D 142 -18.94 4.76 -8.82
C HIS D 142 -18.94 3.28 -9.18
N TYR D 143 -18.30 2.95 -10.29
CA TYR D 143 -18.23 1.58 -10.78
C TYR D 143 -17.07 0.83 -10.15
N ASN D 144 -17.22 -0.49 -10.09
CA ASN D 144 -16.18 -1.37 -9.55
C ASN D 144 -16.04 -2.58 -10.45
N TYR D 145 -14.83 -2.81 -10.97
CA TYR D 145 -14.52 -4.00 -11.75
C TYR D 145 -13.82 -5.00 -10.83
N MET D 146 -14.18 -6.28 -10.96
CA MET D 146 -13.77 -7.28 -9.99
C MET D 146 -12.73 -8.26 -10.53
N CYS D 147 -12.25 -8.08 -11.76
CA CYS D 147 -11.18 -8.90 -12.31
C CYS D 147 -10.31 -8.04 -13.21
N ASN D 148 -9.03 -8.40 -13.29
CA ASN D 148 -8.17 -7.84 -14.31
C ASN D 148 -8.35 -8.60 -15.62
N SER D 149 -7.89 -7.98 -16.71
CA SER D 149 -8.15 -8.53 -18.04
C SER D 149 -7.28 -9.74 -18.34
N SER D 150 -6.19 -9.94 -17.60
CA SER D 150 -5.34 -11.10 -17.77
C SER D 150 -5.71 -12.26 -16.87
N CYS D 151 -6.93 -12.29 -16.33
CA CYS D 151 -7.31 -13.38 -15.46
C CYS D 151 -7.59 -14.65 -16.27
N MET D 152 -6.95 -15.75 -15.87
CA MET D 152 -7.07 -17.00 -16.61
C MET D 152 -8.42 -17.65 -16.34
N GLY D 153 -9.16 -17.91 -17.42
CA GLY D 153 -10.52 -18.40 -17.33
C GLY D 153 -11.59 -17.34 -17.42
N GLY D 154 -11.22 -16.06 -17.30
CA GLY D 154 -12.18 -14.98 -17.41
C GLY D 154 -11.98 -14.16 -18.66
N MET D 155 -11.33 -13.01 -18.52
CA MET D 155 -11.09 -12.15 -19.68
C MET D 155 -9.88 -12.61 -20.48
N ASN D 156 -8.80 -13.01 -19.80
CA ASN D 156 -7.65 -13.73 -20.37
C ASN D 156 -6.95 -12.94 -21.49
N ARG D 157 -6.43 -11.77 -21.10
CA ARG D 157 -5.66 -10.85 -21.93
C ARG D 157 -6.43 -10.31 -23.13
N ARG D 158 -7.74 -10.38 -23.10
CA ARG D 158 -8.53 -9.88 -24.22
C ARG D 158 -9.15 -8.54 -23.86
N PRO D 159 -8.95 -7.50 -24.68
CA PRO D 159 -9.47 -6.17 -24.32
C PRO D 159 -10.98 -6.14 -24.43
N ILE D 160 -11.61 -5.46 -23.46
CA ILE D 160 -13.06 -5.49 -23.38
C ILE D 160 -13.62 -4.09 -23.52
N LEU D 161 -14.85 -4.02 -24.00
CA LEU D 161 -15.63 -2.79 -24.13
C LEU D 161 -16.76 -2.82 -23.11
N THR D 162 -16.89 -1.76 -22.32
CA THR D 162 -17.98 -1.65 -21.36
C THR D 162 -19.07 -0.79 -21.95
N ILE D 163 -20.28 -1.36 -22.04
CA ILE D 163 -21.42 -0.72 -22.69
C ILE D 163 -22.30 -0.12 -21.59
N ILE D 164 -22.45 1.20 -21.61
CA ILE D 164 -23.33 1.90 -20.69
C ILE D 164 -24.61 2.25 -21.43
N THR D 165 -25.73 1.73 -20.95
CA THR D 165 -27.02 1.92 -21.60
C THR D 165 -28.01 2.60 -20.66
N LEU D 166 -28.98 3.27 -21.26
CA LEU D 166 -30.09 3.89 -20.55
C LEU D 166 -31.38 3.18 -20.94
N GLU D 167 -32.25 2.94 -19.97
CA GLU D 167 -33.61 2.48 -20.27
C GLU D 167 -34.57 2.94 -19.20
N ASP D 168 -35.83 3.06 -19.60
CA ASP D 168 -36.95 3.33 -18.71
C ASP D 168 -37.34 1.99 -18.08
N SER D 169 -38.30 1.97 -17.15
CA SER D 169 -38.68 0.79 -16.38
C SER D 169 -39.20 -0.37 -17.21
N SER D 170 -39.60 -0.15 -18.47
CA SER D 170 -40.03 -1.23 -19.33
C SER D 170 -38.87 -1.93 -20.03
N GLY D 171 -37.79 -1.22 -20.31
CA GLY D 171 -36.59 -1.86 -20.86
C GLY D 171 -36.21 -1.47 -22.27
N ASN D 172 -36.96 -0.58 -22.93
CA ASN D 172 -36.62 -0.13 -24.28
C ASN D 172 -35.44 0.84 -24.23
N LEU D 173 -34.55 0.72 -25.21
CA LEU D 173 -33.26 1.38 -25.13
C LEU D 173 -33.38 2.86 -25.49
N LEU D 174 -32.83 3.72 -24.62
CA LEU D 174 -32.88 5.15 -24.82
C LEU D 174 -31.55 5.75 -25.27
N GLY D 175 -30.43 5.14 -24.91
CA GLY D 175 -29.13 5.63 -25.32
C GLY D 175 -28.03 4.71 -24.87
N ARG D 176 -26.96 4.66 -25.66
CA ARG D 176 -25.87 3.74 -25.43
C ARG D 176 -24.54 4.38 -25.80
N ASN D 177 -23.60 4.36 -24.86
CA ASN D 177 -22.23 4.75 -25.14
C ASN D 177 -21.31 3.61 -24.75
N SER D 178 -20.23 3.47 -25.52
CA SER D 178 -19.29 2.38 -25.33
C SER D 178 -17.89 2.96 -25.14
N PHE D 179 -17.13 2.29 -24.29
CA PHE D 179 -15.75 2.68 -24.03
C PHE D 179 -14.95 1.44 -23.68
N GLU D 180 -13.72 1.39 -24.17
CA GLU D 180 -12.89 0.22 -23.96
C GLU D 180 -12.39 0.18 -22.53
N VAL D 181 -12.08 -1.03 -22.06
CA VAL D 181 -11.64 -1.25 -20.69
C VAL D 181 -10.46 -2.20 -20.72
N ARG D 182 -9.33 -1.77 -20.18
CA ARG D 182 -8.19 -2.64 -19.91
C ARG D 182 -7.95 -2.60 -18.41
N VAL D 183 -8.42 -3.61 -17.71
CA VAL D 183 -8.22 -3.76 -16.28
C VAL D 183 -6.96 -4.59 -16.03
N CYS D 184 -5.97 -3.97 -15.39
CA CYS D 184 -4.78 -4.65 -14.90
C CYS D 184 -4.44 -4.05 -13.54
N ALA D 185 -3.24 -4.37 -13.04
CA ALA D 185 -2.80 -3.83 -11.76
C ALA D 185 -2.24 -2.41 -11.89
N CYS D 186 -1.75 -2.04 -13.07
CA CYS D 186 -1.17 -0.72 -13.32
C CYS D 186 -2.02 0.00 -14.36
N PRO D 187 -3.03 0.77 -13.94
CA PRO D 187 -3.89 1.43 -14.94
C PRO D 187 -3.23 2.61 -15.64
N GLY D 188 -2.54 3.48 -14.89
CA GLY D 188 -1.98 4.67 -15.50
C GLY D 188 -0.79 4.38 -16.39
N ARG D 189 -0.04 3.32 -16.09
CA ARG D 189 1.08 2.95 -16.95
C ARG D 189 0.58 2.26 -18.22
N ASP D 190 -0.47 1.42 -18.09
CA ASP D 190 -1.02 0.75 -19.26
C ASP D 190 -1.77 1.69 -20.20
N ARG D 191 -2.14 2.89 -19.73
CA ARG D 191 -2.56 3.92 -20.66
C ARG D 191 -1.36 4.42 -21.48
N ARG D 192 -0.19 4.53 -20.83
CA ARG D 192 0.98 5.10 -21.49
C ARG D 192 1.55 4.21 -22.59
N THR D 193 1.54 2.88 -22.41
CA THR D 193 2.06 2.04 -23.48
C THR D 193 1.06 1.90 -24.61
N GLU D 194 -0.21 2.22 -24.36
CA GLU D 194 -1.20 2.28 -25.42
C GLU D 194 -1.35 3.67 -26.01
N GLU D 195 -0.79 4.70 -25.38
CA GLU D 195 -0.54 5.95 -26.09
C GLU D 195 0.73 5.88 -26.92
N GLU D 196 1.70 5.05 -26.49
CA GLU D 196 2.84 4.73 -27.33
C GLU D 196 2.43 3.86 -28.52
N ASN D 197 1.30 3.16 -28.40
CA ASN D 197 0.75 2.35 -29.49
C ASN D 197 0.18 3.22 -30.60
N LEU D 198 -0.37 4.39 -30.26
CA LEU D 198 -1.02 5.20 -31.28
C LEU D 198 -0.05 6.05 -32.09
N ARG D 199 1.07 6.47 -31.50
CA ARG D 199 2.05 7.29 -32.22
C ARG D 199 3.10 6.38 -32.86
N SER E 3 -3.00 -28.85 7.06
CA SER E 3 -4.16 -29.64 7.41
C SER E 3 -4.14 -30.04 8.88
N SER E 4 -5.20 -30.73 9.30
CA SER E 4 -5.14 -31.56 10.51
C SER E 4 -4.13 -32.66 10.20
N SER E 5 -3.44 -33.15 11.23
CA SER E 5 -1.98 -33.17 11.29
C SER E 5 -1.25 -33.29 9.96
N VAL E 6 -0.45 -32.27 9.68
CA VAL E 6 0.44 -32.12 8.53
C VAL E 6 1.49 -33.23 8.60
N PRO E 7 1.71 -33.97 7.52
CA PRO E 7 2.74 -35.01 7.52
C PRO E 7 4.14 -34.43 7.61
N SER E 8 5.05 -35.25 8.13
CA SER E 8 6.39 -34.79 8.45
C SER E 8 7.24 -34.64 7.20
N GLN E 9 8.18 -33.69 7.25
CA GLN E 9 9.07 -33.38 6.14
C GLN E 9 10.52 -33.76 6.41
N LYS E 10 10.81 -34.36 7.57
CA LYS E 10 12.18 -34.72 7.92
C LYS E 10 12.65 -35.91 7.10
N THR E 11 13.92 -35.89 6.72
CA THR E 11 14.46 -36.89 5.83
C THR E 11 14.63 -38.22 6.55
N TYR E 12 14.03 -39.27 5.97
CA TYR E 12 14.04 -40.62 6.53
C TYR E 12 14.79 -41.52 5.55
N GLN E 13 15.97 -41.99 5.96
CA GLN E 13 16.78 -42.90 5.16
C GLN E 13 16.26 -44.34 5.28
N GLY E 14 16.05 -44.80 6.50
CA GLY E 14 15.65 -46.16 6.74
C GLY E 14 16.82 -47.11 6.74
N SER E 15 16.48 -48.40 6.77
CA SER E 15 17.45 -49.45 6.56
C SER E 15 17.61 -49.80 5.10
N TYR E 16 16.96 -49.06 4.20
CA TYR E 16 16.95 -49.34 2.78
C TYR E 16 17.88 -48.46 1.97
N GLY E 17 18.42 -47.39 2.56
CA GLY E 17 19.31 -46.50 1.85
C GLY E 17 18.64 -45.73 0.73
N PHE E 18 17.44 -45.24 0.98
CA PHE E 18 16.65 -44.56 -0.06
C PHE E 18 17.12 -43.13 -0.21
N ARG E 19 17.57 -42.77 -1.42
CA ARG E 19 18.05 -41.43 -1.72
C ARG E 19 17.54 -41.01 -3.08
N LEU E 20 17.15 -39.74 -3.21
CA LEU E 20 16.64 -39.19 -4.45
C LEU E 20 17.80 -38.76 -5.33
N GLY E 21 17.78 -39.20 -6.59
CA GLY E 21 18.74 -38.78 -7.59
C GLY E 21 18.07 -37.84 -8.56
N PHE E 22 18.83 -36.82 -8.99
CA PHE E 22 18.33 -35.82 -9.91
C PHE E 22 19.31 -35.65 -11.05
N LEU E 23 18.79 -35.35 -12.24
CA LEU E 23 19.64 -35.15 -13.41
C LEU E 23 20.41 -33.84 -13.29
N HIS E 24 21.70 -33.90 -13.61
CA HIS E 24 22.55 -32.71 -13.61
C HIS E 24 22.29 -31.95 -14.90
N SER E 25 21.19 -31.21 -14.94
CA SER E 25 20.77 -30.49 -16.13
C SER E 25 21.25 -29.05 -16.08
N GLY E 26 21.32 -28.42 -17.24
CA GLY E 26 21.84 -27.06 -17.33
C GLY E 26 20.89 -26.02 -16.74
N THR E 27 21.42 -24.80 -16.64
CA THR E 27 20.69 -23.66 -16.08
C THR E 27 20.24 -22.68 -17.17
N ALA E 28 19.75 -23.21 -18.30
CA ALA E 28 19.28 -22.36 -19.38
C ALA E 28 18.00 -21.63 -18.99
N LYS E 29 17.61 -20.64 -19.80
CA LYS E 29 16.51 -19.75 -19.44
C LYS E 29 15.16 -20.46 -19.51
N SER E 30 15.04 -21.49 -20.35
CA SER E 30 13.78 -22.16 -20.60
C SER E 30 13.95 -23.67 -20.49
N VAL E 31 14.57 -24.13 -19.41
CA VAL E 31 14.75 -25.57 -19.20
C VAL E 31 13.43 -26.20 -18.79
N THR E 32 13.30 -27.51 -19.06
CA THR E 32 12.07 -28.21 -18.72
C THR E 32 12.06 -28.67 -17.25
N CYS E 33 13.23 -28.96 -16.68
CA CYS E 33 13.35 -29.41 -15.30
C CYS E 33 14.81 -29.25 -14.88
N THR E 34 15.01 -28.74 -13.67
CA THR E 34 16.36 -28.60 -13.12
C THR E 34 16.30 -28.73 -11.60
N TYR E 35 17.46 -29.01 -11.01
CA TYR E 35 17.57 -29.26 -9.57
C TYR E 35 18.78 -28.51 -9.02
N SER E 36 18.61 -27.89 -7.86
CA SER E 36 19.72 -27.22 -7.20
C SER E 36 20.26 -28.09 -6.09
N PRO E 37 21.56 -28.42 -6.07
CA PRO E 37 22.07 -29.23 -4.95
C PRO E 37 22.26 -28.41 -3.69
N ALA E 38 22.45 -27.10 -3.80
CA ALA E 38 22.76 -26.28 -2.64
C ALA E 38 21.53 -25.99 -1.80
N LEU E 39 20.36 -25.88 -2.43
CA LEU E 39 19.11 -25.62 -1.72
C LEU E 39 18.18 -26.82 -1.69
N ASN E 40 18.58 -27.94 -2.32
CA ASN E 40 17.74 -29.14 -2.53
C ASN E 40 16.41 -28.76 -3.17
N LYS E 41 16.47 -27.92 -4.20
CA LYS E 41 15.28 -27.28 -4.76
C LYS E 41 15.16 -27.64 -6.23
N MET E 42 14.09 -28.36 -6.58
CA MET E 42 13.78 -28.67 -7.97
C MET E 42 12.95 -27.54 -8.57
N PHE E 43 13.40 -27.03 -9.70
CA PHE E 43 12.68 -26.01 -10.45
C PHE E 43 12.19 -26.65 -11.75
N CYS E 44 10.89 -26.58 -12.03
CA CYS E 44 10.34 -27.21 -13.22
C CYS E 44 9.08 -26.50 -13.67
N GLN E 45 8.56 -26.94 -14.81
CA GLN E 45 7.43 -26.33 -15.49
C GLN E 45 6.12 -27.03 -15.19
N LEU E 46 5.05 -26.48 -15.78
CA LEU E 46 3.74 -27.09 -15.73
C LEU E 46 3.62 -28.18 -16.79
N ALA E 47 3.11 -29.35 -16.37
CA ALA E 47 2.80 -30.50 -17.23
C ALA E 47 4.02 -31.03 -17.99
N LYS E 48 5.21 -30.94 -17.39
CA LYS E 48 6.42 -31.37 -18.07
C LYS E 48 7.09 -32.48 -17.26
N THR E 49 8.03 -33.15 -17.92
CA THR E 49 8.66 -34.34 -17.36
C THR E 49 9.68 -33.96 -16.30
N CYS E 50 9.52 -34.51 -15.10
CA CYS E 50 10.46 -34.33 -14.00
C CYS E 50 11.00 -35.70 -13.61
N PRO E 51 12.08 -36.17 -14.25
CA PRO E 51 12.63 -37.49 -13.92
C PRO E 51 13.36 -37.46 -12.59
N VAL E 52 12.82 -38.18 -11.62
CA VAL E 52 13.41 -38.29 -10.29
C VAL E 52 13.92 -39.71 -10.13
N GLN E 53 15.22 -39.85 -9.95
CA GLN E 53 15.85 -41.16 -9.79
C GLN E 53 15.72 -41.61 -8.34
N LEU E 54 15.61 -42.93 -8.17
CA LEU E 54 15.54 -43.53 -6.84
C LEU E 54 16.79 -44.39 -6.66
N TRP E 55 17.70 -43.93 -5.81
CA TRP E 55 18.93 -44.65 -5.50
C TRP E 55 18.75 -45.37 -4.17
N VAL E 56 18.89 -46.68 -4.20
CA VAL E 56 18.65 -47.52 -3.03
C VAL E 56 19.90 -48.34 -2.74
N ASP E 57 20.14 -48.61 -1.46
CA ASP E 57 21.26 -49.44 -1.06
C ASP E 57 20.92 -50.92 -1.10
N SER E 58 19.66 -51.27 -0.85
CA SER E 58 19.21 -52.65 -0.97
C SER E 58 17.93 -52.68 -1.79
N THR E 59 17.66 -53.84 -2.37
CA THR E 59 16.46 -54.01 -3.18
C THR E 59 15.27 -54.29 -2.28
N PRO E 60 14.19 -53.54 -2.41
CA PRO E 60 13.01 -53.76 -1.56
C PRO E 60 12.24 -55.00 -1.99
N PRO E 61 11.42 -55.56 -1.10
CA PRO E 61 10.57 -56.71 -1.49
C PRO E 61 9.50 -56.29 -2.48
N PRO E 62 8.96 -57.25 -3.25
CA PRO E 62 7.90 -56.89 -4.23
C PRO E 62 6.62 -56.44 -3.56
N GLY E 63 5.95 -55.50 -4.21
CA GLY E 63 4.78 -54.85 -3.66
C GLY E 63 5.05 -53.48 -3.07
N THR E 64 6.30 -53.02 -3.09
CA THR E 64 6.63 -51.72 -2.56
C THR E 64 6.19 -50.61 -3.51
N ARG E 65 5.84 -49.46 -2.94
CA ARG E 65 5.28 -48.35 -3.70
C ARG E 65 6.00 -47.06 -3.33
N VAL E 66 5.87 -46.06 -4.19
CA VAL E 66 6.51 -44.76 -4.01
C VAL E 66 5.43 -43.70 -3.99
N ARG E 67 5.24 -43.03 -2.85
CA ARG E 67 4.25 -41.97 -2.74
C ARG E 67 4.93 -40.59 -2.76
N ALA E 68 4.41 -39.70 -3.62
CA ALA E 68 4.81 -38.31 -3.68
C ALA E 68 3.73 -37.43 -3.07
N MET E 69 4.15 -36.40 -2.35
CA MET E 69 3.23 -35.44 -1.72
C MET E 69 3.91 -34.07 -1.66
N ALA E 70 3.22 -33.04 -2.11
CA ALA E 70 3.73 -31.67 -2.03
C ALA E 70 3.17 -30.97 -0.80
N ILE E 71 4.05 -30.45 0.05
CA ILE E 71 3.65 -29.64 1.21
C ILE E 71 4.29 -28.28 1.10
N TYR E 72 3.68 -27.29 1.75
CA TYR E 72 4.26 -25.95 1.80
C TYR E 72 5.51 -25.94 2.66
N LYS E 73 6.50 -25.14 2.25
CA LYS E 73 7.70 -24.99 3.07
C LYS E 73 7.48 -24.01 4.21
N GLN E 74 6.74 -22.94 3.98
CA GLN E 74 6.47 -21.94 5.01
C GLN E 74 5.49 -22.49 6.04
N SER E 75 5.75 -22.14 7.30
CA SER E 75 4.97 -22.71 8.40
C SER E 75 3.61 -22.02 8.56
N GLN E 76 3.49 -20.78 8.10
CA GLN E 76 2.23 -20.06 8.24
C GLN E 76 1.18 -20.50 7.23
N HIS E 77 1.56 -21.33 6.26
CA HIS E 77 0.66 -21.81 5.22
C HIS E 77 0.47 -23.32 5.25
N MET E 78 0.95 -23.99 6.30
CA MET E 78 0.88 -25.45 6.39
C MET E 78 -0.54 -25.98 6.48
N THR E 79 -1.48 -25.16 6.97
CA THR E 79 -2.87 -25.61 7.09
C THR E 79 -3.57 -25.71 5.74
N GLU E 80 -3.07 -25.03 4.72
CA GLU E 80 -3.67 -25.10 3.39
C GLU E 80 -3.10 -26.29 2.64
N VAL E 81 -3.98 -27.05 2.00
CA VAL E 81 -3.56 -28.14 1.14
C VAL E 81 -2.91 -27.56 -0.11
N VAL E 82 -1.76 -28.10 -0.51
CA VAL E 82 -1.18 -27.75 -1.79
C VAL E 82 -2.09 -28.31 -2.87
N ARG E 83 -2.86 -27.43 -3.49
CA ARG E 83 -3.85 -27.82 -4.48
C ARG E 83 -3.68 -26.95 -5.71
N ARG E 84 -4.38 -27.34 -6.77
CA ARG E 84 -4.37 -26.55 -7.99
C ARG E 84 -5.27 -25.33 -7.84
N CYS E 85 -4.98 -24.30 -8.63
CA CYS E 85 -5.81 -23.12 -8.66
C CYS E 85 -7.15 -23.45 -9.31
N PRO E 86 -8.22 -22.72 -8.96
CA PRO E 86 -9.54 -23.03 -9.55
C PRO E 86 -9.64 -22.79 -11.05
N HIS E 87 -8.72 -22.05 -11.66
CA HIS E 87 -8.67 -21.99 -13.12
C HIS E 87 -8.14 -23.29 -13.70
N HIS E 88 -6.97 -23.74 -13.23
CA HIS E 88 -6.36 -24.96 -13.73
C HIS E 88 -7.10 -26.21 -13.26
N GLU E 89 -7.93 -26.10 -12.23
CA GLU E 89 -8.80 -27.20 -11.83
C GLU E 89 -9.92 -27.45 -12.85
N ARG E 90 -10.21 -26.48 -13.71
CA ARG E 90 -11.26 -26.61 -14.70
C ARG E 90 -10.75 -26.68 -16.14
N CYS E 91 -9.43 -26.62 -16.33
CA CYS E 91 -8.87 -26.77 -17.67
C CYS E 91 -8.89 -28.22 -18.12
N SER E 92 -8.84 -28.42 -19.43
CA SER E 92 -8.78 -29.77 -20.00
C SER E 92 -7.32 -30.16 -20.27
N ASP E 93 -6.62 -30.43 -19.18
CA ASP E 93 -5.22 -30.82 -19.22
C ASP E 93 -4.99 -32.20 -18.61
N SER E 94 -6.04 -33.02 -18.52
CA SER E 94 -5.93 -34.31 -17.87
C SER E 94 -5.26 -35.32 -18.77
N ASP E 95 -4.43 -36.18 -18.17
CA ASP E 95 -3.79 -37.28 -18.88
C ASP E 95 -4.64 -38.56 -18.84
N GLY E 96 -5.88 -38.46 -18.38
CA GLY E 96 -6.78 -39.59 -18.31
C GLY E 96 -6.65 -40.44 -17.06
N LEU E 97 -5.72 -40.11 -16.18
CA LEU E 97 -5.54 -40.84 -14.92
C LEU E 97 -5.63 -39.98 -13.69
N ALA E 98 -5.50 -38.66 -13.80
CA ALA E 98 -5.43 -37.80 -12.64
C ALA E 98 -6.71 -37.00 -12.46
N PRO E 99 -7.22 -36.90 -11.22
CA PRO E 99 -8.25 -35.90 -10.95
C PRO E 99 -7.69 -34.50 -11.12
N PRO E 100 -8.54 -33.52 -11.50
CA PRO E 100 -8.02 -32.19 -11.85
C PRO E 100 -7.62 -31.30 -10.69
N GLN E 101 -7.54 -31.81 -9.47
CA GLN E 101 -7.05 -31.03 -8.35
C GLN E 101 -5.63 -31.41 -7.92
N HIS E 102 -5.10 -32.52 -8.42
CA HIS E 102 -3.80 -33.01 -8.03
C HIS E 102 -2.70 -32.23 -8.71
N LEU E 103 -1.75 -31.72 -7.91
CA LEU E 103 -0.62 -30.99 -8.47
C LEU E 103 0.36 -31.94 -9.15
N ILE E 104 0.72 -33.02 -8.46
CA ILE E 104 1.73 -33.95 -8.95
C ILE E 104 1.06 -34.94 -9.89
N ARG E 105 1.75 -35.33 -10.96
CA ARG E 105 1.33 -36.41 -11.85
C ARG E 105 2.55 -37.24 -12.22
N VAL E 106 2.30 -38.41 -12.83
CA VAL E 106 3.36 -39.33 -13.26
C VAL E 106 3.00 -39.86 -14.64
N GLU E 107 3.91 -39.68 -15.61
CA GLU E 107 3.76 -40.22 -16.95
C GLU E 107 4.69 -41.42 -17.14
N GLY E 108 4.45 -42.15 -18.23
CA GLY E 108 5.29 -43.29 -18.56
C GLY E 108 5.10 -44.50 -17.69
N ASN E 109 3.99 -44.59 -16.97
CA ASN E 109 3.70 -45.72 -16.08
C ASN E 109 2.20 -45.98 -16.15
N LEU E 110 1.83 -47.24 -16.33
CA LEU E 110 0.41 -47.59 -16.39
C LEU E 110 -0.22 -47.77 -15.02
N ARG E 111 0.59 -48.04 -13.99
CA ARG E 111 0.08 -48.48 -12.70
C ARG E 111 0.03 -47.36 -11.65
N VAL E 112 -0.15 -46.11 -12.05
CA VAL E 112 -0.11 -44.99 -11.12
C VAL E 112 -1.37 -44.94 -10.28
N GLU E 113 -1.23 -44.67 -8.98
CA GLU E 113 -2.38 -44.36 -8.14
C GLU E 113 -2.42 -42.88 -7.80
N TYR E 114 -3.62 -42.37 -7.59
CA TYR E 114 -3.85 -41.03 -7.08
C TYR E 114 -4.73 -41.12 -5.84
N LEU E 115 -4.39 -40.34 -4.82
CA LEU E 115 -5.04 -40.48 -3.51
C LEU E 115 -5.45 -39.11 -2.97
N ASP E 116 -6.72 -39.01 -2.58
CA ASP E 116 -7.20 -37.97 -1.68
C ASP E 116 -7.32 -38.62 -0.30
N ASP E 117 -6.34 -38.37 0.57
CA ASP E 117 -6.31 -39.03 1.86
C ASP E 117 -7.41 -38.48 2.76
N ARG E 118 -7.95 -39.34 3.61
CA ARG E 118 -9.27 -39.05 4.17
C ARG E 118 -9.20 -38.54 5.60
N ASN E 119 -8.00 -38.54 6.20
CA ASN E 119 -7.77 -37.81 7.44
C ASN E 119 -7.18 -36.43 7.14
N THR E 120 -6.01 -36.39 6.50
CA THR E 120 -5.26 -35.16 6.33
C THR E 120 -5.67 -34.36 5.09
N PHE E 121 -6.65 -34.84 4.33
CA PHE E 121 -7.37 -34.09 3.30
C PHE E 121 -6.51 -33.65 2.13
N ARG E 122 -5.33 -34.23 1.93
CA ARG E 122 -4.35 -33.73 0.97
C ARG E 122 -4.27 -34.65 -0.25
N HIS E 123 -3.33 -34.30 -1.13
CA HIS E 123 -3.12 -35.00 -2.39
C HIS E 123 -1.85 -35.86 -2.30
N SER E 124 -1.97 -37.13 -2.71
CA SER E 124 -0.84 -38.04 -2.74
C SER E 124 -0.79 -38.73 -4.09
N VAL E 125 0.41 -38.95 -4.61
CA VAL E 125 0.62 -39.54 -5.93
C VAL E 125 1.50 -40.77 -5.73
N VAL E 126 1.01 -41.94 -6.15
CA VAL E 126 1.66 -43.22 -5.87
C VAL E 126 1.97 -43.94 -7.17
N VAL E 127 3.21 -44.43 -7.30
CA VAL E 127 3.57 -45.40 -8.35
C VAL E 127 4.16 -46.62 -7.63
N PRO E 128 4.04 -47.83 -8.18
CA PRO E 128 4.76 -48.97 -7.60
C PRO E 128 6.22 -48.93 -8.00
N TYR E 129 7.09 -49.26 -7.05
CA TYR E 129 8.52 -49.21 -7.32
C TYR E 129 8.95 -50.40 -8.17
N GLU E 130 9.73 -50.11 -9.20
CA GLU E 130 10.38 -51.11 -10.02
C GLU E 130 11.87 -51.15 -9.70
N PRO E 131 12.50 -52.31 -9.75
CA PRO E 131 13.96 -52.39 -9.54
C PRO E 131 14.70 -51.73 -10.68
N PRO E 132 15.96 -51.32 -10.46
CA PRO E 132 16.75 -50.75 -11.57
C PRO E 132 16.98 -51.76 -12.67
N GLU E 133 16.99 -51.25 -13.91
CA GLU E 133 17.01 -52.09 -15.09
C GLU E 133 18.41 -52.66 -15.31
N VAL E 134 18.63 -53.29 -16.47
CA VAL E 134 19.95 -53.80 -16.79
C VAL E 134 20.85 -52.60 -17.10
N GLY E 135 22.04 -52.59 -16.48
CA GLY E 135 22.95 -51.46 -16.56
C GLY E 135 22.65 -50.34 -15.59
N SER E 136 21.44 -50.26 -15.07
CA SER E 136 20.99 -49.11 -14.30
C SER E 136 21.24 -49.31 -12.80
N ASP E 137 21.42 -48.19 -12.11
CA ASP E 137 21.48 -48.19 -10.64
C ASP E 137 20.30 -47.46 -10.03
N CYS E 138 19.35 -47.00 -10.85
CA CYS E 138 18.25 -46.19 -10.37
C CYS E 138 17.03 -46.42 -11.25
N THR E 139 15.85 -46.21 -10.66
CA THR E 139 14.59 -46.25 -11.38
C THR E 139 14.04 -44.82 -11.44
N THR E 140 13.92 -44.28 -12.64
CA THR E 140 13.49 -42.90 -12.85
C THR E 140 11.97 -42.83 -12.96
N ILE E 141 11.36 -42.00 -12.12
CA ILE E 141 9.93 -41.70 -12.17
C ILE E 141 9.77 -40.34 -12.82
N HIS E 142 9.08 -40.31 -13.96
CA HIS E 142 8.85 -39.06 -14.70
C HIS E 142 7.66 -38.35 -14.06
N TYR E 143 7.96 -37.36 -13.21
CA TYR E 143 6.94 -36.61 -12.50
C TYR E 143 6.44 -35.45 -13.35
N ASN E 144 5.19 -35.03 -13.09
CA ASN E 144 4.58 -33.91 -13.77
C ASN E 144 3.85 -33.05 -12.76
N TYR E 145 4.22 -31.77 -12.69
CA TYR E 145 3.53 -30.80 -11.85
C TYR E 145 2.56 -30.01 -12.73
N MET E 146 1.36 -29.75 -12.21
CA MET E 146 0.27 -29.21 -13.03
C MET E 146 -0.08 -27.77 -12.72
N CYS E 147 0.66 -27.11 -11.83
CA CYS E 147 0.47 -25.70 -11.56
C CYS E 147 1.80 -25.06 -11.22
N ASN E 148 1.93 -23.78 -11.56
CA ASN E 148 3.05 -22.99 -11.07
C ASN E 148 2.76 -22.49 -9.66
N SER E 149 3.82 -22.08 -8.96
CA SER E 149 3.70 -21.72 -7.55
C SER E 149 3.01 -20.39 -7.35
N SER E 150 2.94 -19.56 -8.37
CA SER E 150 2.25 -18.27 -8.30
C SER E 150 0.79 -18.34 -8.73
N CYS E 151 0.20 -19.53 -8.76
CA CYS E 151 -1.19 -19.63 -9.19
C CYS E 151 -2.13 -19.14 -8.10
N MET E 152 -3.02 -18.23 -8.46
CA MET E 152 -3.92 -17.61 -7.49
C MET E 152 -5.03 -18.59 -7.10
N GLY E 153 -5.14 -18.85 -5.80
CA GLY E 153 -6.04 -19.84 -5.27
C GLY E 153 -5.41 -21.20 -5.01
N GLY E 154 -4.21 -21.44 -5.52
CA GLY E 154 -3.53 -22.70 -5.29
C GLY E 154 -2.32 -22.54 -4.40
N MET E 155 -1.13 -22.49 -5.01
CA MET E 155 0.09 -22.35 -4.22
C MET E 155 0.35 -20.90 -3.84
N ASN E 156 0.11 -19.96 -4.77
CA ASN E 156 0.04 -18.51 -4.53
C ASN E 156 1.35 -17.95 -3.95
N ARG E 157 2.42 -18.08 -4.74
CA ARG E 157 3.76 -17.58 -4.46
C ARG E 157 4.39 -18.17 -3.20
N ARG E 158 3.89 -19.29 -2.73
CA ARG E 158 4.45 -19.90 -1.52
C ARG E 158 5.31 -21.09 -1.91
N PRO E 159 6.57 -21.14 -1.46
CA PRO E 159 7.45 -22.23 -1.86
C PRO E 159 7.04 -23.54 -1.21
N ILE E 160 7.10 -24.62 -1.99
CA ILE E 160 6.58 -25.90 -1.54
C ILE E 160 7.69 -26.94 -1.50
N LEU E 161 7.50 -27.91 -0.62
CA LEU E 161 8.39 -29.06 -0.47
C LEU E 161 7.65 -30.31 -0.96
N THR E 162 8.27 -31.06 -1.86
CA THR E 162 7.69 -32.30 -2.35
C THR E 162 8.30 -33.47 -1.60
N ILE E 163 7.44 -34.25 -0.94
CA ILE E 163 7.85 -35.35 -0.08
C ILE E 163 7.73 -36.64 -0.86
N ILE E 164 8.85 -37.32 -1.06
CA ILE E 164 8.88 -38.63 -1.73
C ILE E 164 9.01 -39.69 -0.66
N THR E 165 8.03 -40.58 -0.58
CA THR E 165 7.99 -41.61 0.45
C THR E 165 7.96 -42.99 -0.17
N LEU E 166 8.44 -43.97 0.59
CA LEU E 166 8.38 -45.38 0.23
C LEU E 166 7.48 -46.10 1.22
N GLU E 167 6.65 -47.01 0.70
CA GLU E 167 5.90 -47.92 1.56
C GLU E 167 5.64 -49.23 0.85
N ASP E 168 5.47 -50.27 1.66
CA ASP E 168 5.06 -51.59 1.20
C ASP E 168 3.52 -51.53 1.05
N SER E 169 2.89 -52.61 0.57
CA SER E 169 1.46 -52.63 0.26
C SER E 169 0.54 -52.39 1.45
N SER E 170 1.03 -52.51 2.69
CA SER E 170 0.22 -52.21 3.86
C SER E 170 0.21 -50.72 4.20
N GLY E 171 1.29 -49.99 3.92
CA GLY E 171 1.30 -48.56 4.10
C GLY E 171 2.24 -48.02 5.16
N ASN E 172 3.00 -48.88 5.84
CA ASN E 172 3.96 -48.42 6.85
C ASN E 172 5.19 -47.81 6.17
N LEU E 173 5.70 -46.74 6.75
CA LEU E 173 6.68 -45.91 6.08
C LEU E 173 8.06 -46.54 6.13
N LEU E 174 8.70 -46.64 4.96
CA LEU E 174 10.03 -47.23 4.86
C LEU E 174 11.14 -46.21 4.65
N GLY E 175 10.83 -45.07 4.04
CA GLY E 175 11.83 -44.04 3.84
C GLY E 175 11.23 -42.81 3.22
N ARG E 176 11.80 -41.66 3.56
CA ARG E 176 11.26 -40.37 3.13
C ARG E 176 12.37 -39.39 2.84
N ASN E 177 12.35 -38.81 1.65
CA ASN E 177 13.25 -37.71 1.32
C ASN E 177 12.41 -36.52 0.86
N SER E 178 12.89 -35.33 1.19
CA SER E 178 12.17 -34.10 0.89
C SER E 178 13.06 -33.18 0.09
N PHE E 179 12.44 -32.44 -0.82
CA PHE E 179 13.15 -31.49 -1.66
C PHE E 179 12.19 -30.37 -2.00
N GLU E 180 12.71 -29.14 -2.00
CA GLU E 180 11.87 -27.98 -2.25
C GLU E 180 11.53 -27.89 -3.73
N VAL E 181 10.40 -27.25 -4.01
CA VAL E 181 9.90 -27.12 -5.37
C VAL E 181 9.44 -25.69 -5.58
N ARG E 182 10.01 -25.03 -6.58
CA ARG E 182 9.51 -23.75 -7.06
C ARG E 182 9.14 -23.94 -8.52
N VAL E 183 7.84 -24.11 -8.76
CA VAL E 183 7.30 -24.23 -10.11
C VAL E 183 6.90 -22.86 -10.62
N CYS E 184 7.54 -22.43 -11.70
CA CYS E 184 7.18 -21.22 -12.45
C CYS E 184 7.35 -21.53 -13.92
N ALA E 185 7.30 -20.48 -14.75
CA ALA E 185 7.49 -20.65 -16.19
C ALA E 185 8.97 -20.73 -16.58
N CYS E 186 9.85 -20.15 -15.76
CA CYS E 186 11.29 -20.13 -16.02
C CYS E 186 12.00 -20.91 -14.91
N PRO E 187 12.21 -22.21 -15.07
CA PRO E 187 12.85 -22.98 -13.99
C PRO E 187 14.34 -22.71 -13.85
N GLY E 188 15.08 -22.68 -14.96
CA GLY E 188 16.52 -22.53 -14.87
C GLY E 188 16.96 -21.14 -14.44
N ARG E 189 16.16 -20.12 -14.77
CA ARG E 189 16.48 -18.77 -14.32
C ARG E 189 16.13 -18.60 -12.85
N ASP E 190 15.01 -19.19 -12.41
CA ASP E 190 14.63 -19.09 -11.00
C ASP E 190 15.53 -19.89 -10.07
N ARG E 191 16.32 -20.82 -10.61
CA ARG E 191 17.41 -21.38 -9.82
C ARG E 191 18.51 -20.35 -9.63
N ARG E 192 18.77 -19.54 -10.67
CA ARG E 192 19.88 -18.59 -10.62
C ARG E 192 19.64 -17.43 -9.65
N THR E 193 18.41 -16.92 -9.54
CA THR E 193 18.18 -15.84 -8.58
C THR E 193 18.11 -16.37 -7.16
N GLU E 194 17.91 -17.67 -6.99
CA GLU E 194 17.98 -18.28 -5.67
C GLU E 194 19.37 -18.85 -5.36
N GLU E 195 20.25 -18.95 -6.36
CA GLU E 195 21.67 -19.09 -6.07
C GLU E 195 22.30 -17.72 -5.77
N GLU E 196 21.74 -16.65 -6.35
CA GLU E 196 22.11 -15.30 -5.93
C GLU E 196 21.60 -14.98 -4.53
N ASN E 197 20.58 -15.71 -4.07
CA ASN E 197 20.05 -15.57 -2.72
C ASN E 197 21.01 -16.14 -1.69
N LEU E 198 21.76 -17.19 -2.03
CA LEU E 198 22.59 -17.84 -1.03
C LEU E 198 23.94 -17.14 -0.84
N ARG E 199 24.48 -16.48 -1.86
CA ARG E 199 25.76 -15.79 -1.75
C ARG E 199 25.52 -14.33 -1.38
N MET F 1 11.14 57.58 -26.60
CA MET F 1 11.74 58.56 -25.69
C MET F 1 13.12 58.12 -25.18
N THR F 2 13.42 58.38 -23.91
CA THR F 2 14.69 58.04 -23.29
C THR F 2 14.77 56.54 -23.01
N SER F 3 15.81 56.17 -22.23
CA SER F 3 16.28 54.80 -22.03
C SER F 3 16.61 54.15 -23.37
N GLN F 4 17.24 54.92 -24.24
CA GLN F 4 17.81 54.40 -25.47
C GLN F 4 19.04 53.58 -25.11
N SER F 5 18.86 52.28 -24.98
CA SER F 5 19.90 51.38 -24.50
C SER F 5 21.05 51.27 -25.49
N SER F 6 22.24 51.72 -25.08
CA SER F 6 23.47 51.42 -25.81
C SER F 6 23.69 49.93 -25.65
N VAL F 7 23.34 49.19 -26.71
CA VAL F 7 22.99 47.77 -26.70
C VAL F 7 24.08 46.88 -26.13
N ILE F 8 23.73 46.12 -25.08
CA ILE F 8 24.69 45.33 -24.33
C ILE F 8 24.44 43.83 -24.51
N SER F 9 23.18 43.43 -24.64
CA SER F 9 22.84 42.00 -24.52
C SER F 9 21.88 41.57 -25.63
N ASN F 10 22.10 42.06 -26.84
CA ASN F 10 21.49 41.48 -28.03
C ASN F 10 22.38 40.37 -28.59
N SER F 11 22.19 40.03 -29.87
CA SER F 11 22.75 38.88 -30.58
C SER F 11 24.23 38.59 -30.39
N CYS F 12 25.02 39.58 -29.98
CA CYS F 12 26.42 39.36 -29.59
C CYS F 12 26.52 38.88 -28.13
N VAL F 13 25.82 37.77 -27.85
CA VAL F 13 25.95 37.07 -26.57
C VAL F 13 26.49 35.67 -26.84
N THR F 14 26.06 35.06 -27.94
CA THR F 14 26.58 33.77 -28.35
C THR F 14 28.04 33.89 -28.81
N MET F 15 28.39 35.02 -29.41
CA MET F 15 29.71 35.17 -30.02
C MET F 15 30.83 35.35 -28.98
N GLU F 16 30.50 35.80 -27.77
CA GLU F 16 31.53 36.35 -26.90
C GLU F 16 32.08 35.35 -25.88
N ARG F 17 31.39 34.23 -25.64
CA ARG F 17 31.65 33.42 -24.45
C ARG F 17 33.03 32.74 -24.42
N LEU F 18 33.29 31.77 -25.30
CA LEU F 18 34.57 31.11 -25.57
C LEU F 18 35.11 30.25 -24.40
N SER F 19 34.48 30.34 -23.22
CA SER F 19 34.93 29.62 -22.04
C SER F 19 33.74 29.17 -21.19
N HIS F 20 32.62 28.88 -21.83
CA HIS F 20 31.36 28.69 -21.11
C HIS F 20 30.89 27.24 -21.19
N MET F 21 31.08 26.62 -22.35
CA MET F 21 30.80 25.20 -22.51
C MET F 21 31.88 24.41 -23.24
N MET F 22 32.77 25.07 -23.99
CA MET F 22 33.78 24.38 -24.77
C MET F 22 35.04 24.05 -23.97
N GLU F 23 35.15 24.56 -22.74
CA GLU F 23 36.27 24.17 -21.87
C GLU F 23 36.03 22.85 -21.17
N ARG F 24 34.82 22.29 -21.29
CA ARG F 24 34.47 21.04 -20.63
C ARG F 24 35.13 19.84 -21.30
N ALA F 26 38.41 18.83 -21.08
CA ALA F 26 39.85 18.81 -20.91
C ALA F 26 40.24 18.35 -19.51
N TRP F 27 39.84 17.13 -19.17
CA TRP F 27 40.12 16.55 -17.85
C TRP F 27 40.86 15.24 -18.08
N CYS F 28 40.99 14.45 -17.01
CA CYS F 28 41.76 13.20 -16.95
C CYS F 28 43.21 13.43 -17.43
N SER F 29 43.91 14.22 -16.62
CA SER F 29 45.17 14.85 -16.98
C SER F 29 46.32 13.87 -17.24
N GLN F 30 47.45 14.40 -17.66
CA GLN F 30 48.55 13.60 -18.18
C GLN F 30 49.79 13.75 -17.31
N GLU F 31 49.62 13.62 -15.99
CA GLU F 31 50.69 13.90 -15.04
C GLU F 31 51.74 12.79 -15.09
N SER F 32 52.97 13.16 -15.49
CA SER F 32 54.20 12.35 -15.47
C SER F 32 54.00 10.97 -16.09
N ALA F 33 53.75 10.98 -17.41
CA ALA F 33 53.35 9.77 -18.12
C ALA F 33 54.45 8.72 -18.14
N LEU F 34 54.06 7.47 -17.87
CA LEU F 34 54.98 6.33 -17.80
C LEU F 34 54.67 5.23 -18.79
N SER F 35 53.40 4.93 -19.06
CA SER F 35 53.04 3.85 -19.97
C SER F 35 53.23 4.33 -21.41
N GLU F 36 54.25 3.82 -22.07
CA GLU F 36 54.58 4.26 -23.42
C GLU F 36 55.37 3.17 -24.12
N GLU F 37 55.03 2.92 -25.38
CA GLU F 37 55.79 2.00 -26.22
C GLU F 37 55.60 2.43 -27.66
N GLU F 38 56.65 2.98 -28.27
CA GLU F 38 56.61 3.33 -29.68
C GLU F 38 56.77 2.08 -30.50
N GLU F 39 56.03 2.00 -31.60
CA GLU F 39 55.97 0.79 -32.42
C GLU F 39 55.82 1.16 -33.88
N ASP F 40 55.73 0.15 -34.71
CA ASP F 40 55.44 0.34 -36.13
C ASP F 40 53.98 0.73 -36.34
N THR F 41 53.73 1.51 -37.40
CA THR F 41 52.37 1.94 -37.72
C THR F 41 51.80 0.96 -38.75
N THR F 42 51.20 -0.11 -38.24
CA THR F 42 50.56 -1.15 -39.06
C THR F 42 49.06 -1.22 -38.84
N ARG F 43 48.59 -0.95 -37.62
CA ARG F 43 47.18 -1.10 -37.31
C ARG F 43 46.38 0.05 -37.94
N PRO F 44 45.19 -0.23 -38.46
CA PRO F 44 44.42 0.81 -39.18
C PRO F 44 43.80 1.83 -38.22
N LEU F 45 43.12 2.81 -38.83
CA LEU F 45 42.59 3.94 -38.08
C LEU F 45 41.34 3.58 -37.30
N GLU F 46 40.30 3.13 -38.01
CA GLU F 46 38.96 2.84 -37.47
C GLU F 46 38.37 4.07 -36.76
N THR F 47 38.09 5.08 -37.57
CA THR F 47 37.25 6.19 -37.12
C THR F 47 35.88 5.65 -36.71
N VAL F 48 35.27 6.29 -35.72
CA VAL F 48 34.30 5.60 -34.88
C VAL F 48 32.97 5.33 -35.60
N THR F 49 32.16 6.38 -35.87
CA THR F 49 31.09 6.48 -36.86
C THR F 49 30.51 7.89 -36.79
N PHE F 50 29.43 8.15 -37.52
CA PHE F 50 28.51 9.21 -37.19
C PHE F 50 27.20 8.69 -36.63
N LYS F 51 27.06 7.37 -36.49
CA LYS F 51 25.85 6.80 -35.91
C LYS F 51 25.74 7.16 -34.43
N ASP F 52 26.85 7.11 -33.70
CA ASP F 52 26.81 7.42 -32.27
C ASP F 52 27.04 8.89 -31.98
N VAL F 53 27.70 9.62 -32.89
CA VAL F 53 27.80 11.07 -32.75
C VAL F 53 26.43 11.70 -32.90
N ALA F 54 25.64 11.23 -33.86
CA ALA F 54 24.21 11.51 -33.85
C ALA F 54 23.57 10.81 -32.67
N VAL F 55 22.60 11.49 -32.07
CA VAL F 55 21.93 10.99 -30.87
C VAL F 55 20.52 10.58 -31.26
N ASP F 56 20.16 9.34 -30.93
CA ASP F 56 18.81 8.84 -31.15
C ASP F 56 17.84 9.60 -30.26
N LEU F 57 16.71 10.00 -30.85
CA LEU F 57 15.79 10.92 -30.18
C LEU F 57 15.01 10.19 -29.09
N THR F 58 15.00 10.77 -27.89
CA THR F 58 14.23 10.24 -26.77
C THR F 58 12.84 10.88 -26.78
N GLN F 59 11.86 10.16 -26.24
CA GLN F 59 10.46 10.55 -26.42
C GLN F 59 10.01 11.58 -25.38
N GLU F 60 10.36 11.35 -24.09
CA GLU F 60 9.85 12.23 -23.04
C GLU F 60 10.53 13.59 -22.97
N GLU F 61 11.56 13.83 -23.78
CA GLU F 61 12.28 15.09 -23.74
C GLU F 61 11.46 16.19 -24.41
N TRP F 62 12.09 17.36 -24.54
CA TRP F 62 11.59 18.53 -25.24
C TRP F 62 10.34 19.11 -24.60
N GLU F 63 10.21 18.96 -23.28
CA GLU F 63 9.16 19.65 -22.55
C GLU F 63 9.66 21.01 -22.04
N GLN F 64 10.76 21.02 -21.28
CA GLN F 64 11.18 22.28 -20.67
C GLN F 64 11.86 23.19 -21.71
N MET F 65 13.06 22.84 -22.21
CA MET F 65 13.49 22.86 -23.60
C MET F 65 12.80 23.87 -24.52
N LYS F 66 12.97 25.16 -24.23
CA LYS F 66 12.58 26.23 -25.13
C LYS F 66 13.15 25.98 -26.53
N PRO F 67 12.32 25.98 -27.59
CA PRO F 67 12.78 25.55 -28.93
C PRO F 67 13.91 26.33 -29.60
N ALA F 68 14.46 27.35 -28.93
CA ALA F 68 15.79 27.84 -29.29
C ALA F 68 16.87 26.80 -29.02
N GLN F 69 16.63 25.87 -28.09
CA GLN F 69 17.50 24.74 -27.84
C GLN F 69 17.15 23.52 -28.68
N ARG F 70 15.87 23.35 -29.04
CA ARG F 70 15.44 22.22 -29.85
C ARG F 70 15.97 22.32 -31.28
N ASN F 71 15.79 23.49 -31.91
CA ASN F 71 16.29 23.68 -33.26
C ASN F 71 17.81 23.77 -33.30
N LEU F 72 18.42 24.13 -32.18
CA LEU F 72 19.88 24.11 -32.09
C LEU F 72 20.43 22.71 -31.84
N TYR F 73 19.65 21.83 -31.21
CA TYR F 73 20.09 20.45 -31.01
C TYR F 73 20.19 19.70 -32.34
N ARG F 74 19.21 19.94 -33.23
CA ARG F 74 19.30 19.40 -34.58
C ARG F 74 20.44 20.04 -35.36
N ASP F 75 20.81 21.27 -35.00
CA ASP F 75 21.97 21.95 -35.55
C ASP F 75 23.28 21.47 -34.93
N VAL F 76 23.24 20.63 -33.92
CA VAL F 76 24.44 19.95 -33.42
C VAL F 76 24.73 18.70 -34.25
N MET F 77 23.70 17.89 -34.51
CA MET F 77 23.83 16.74 -35.39
C MET F 77 23.79 17.10 -36.86
N LEU F 78 23.71 18.39 -37.21
CA LEU F 78 23.86 18.83 -38.58
C LEU F 78 25.20 19.51 -38.83
N GLU F 79 25.72 20.25 -37.86
CA GLU F 79 27.05 20.86 -38.01
C GLU F 79 28.18 19.92 -37.67
N ASN F 80 27.92 18.87 -36.88
CA ASN F 80 28.83 17.74 -36.84
C ASN F 80 28.71 16.89 -38.10
N TYR F 81 27.55 16.94 -38.76
CA TYR F 81 27.33 16.31 -40.04
C TYR F 81 27.82 17.16 -41.21
N SER F 82 27.93 18.48 -41.01
CA SER F 82 28.41 19.39 -42.04
C SER F 82 29.88 19.22 -42.37
N ASN F 83 30.62 18.45 -41.56
CA ASN F 83 31.96 18.03 -41.92
C ASN F 83 31.94 16.78 -42.78
N LEU F 84 31.19 15.76 -42.35
CA LEU F 84 31.31 14.41 -42.90
C LEU F 84 30.62 14.23 -44.26
N VAL F 85 29.97 15.25 -44.80
CA VAL F 85 29.50 15.19 -46.17
C VAL F 85 30.11 16.33 -46.96
N THR F 86 31.09 17.00 -46.36
CA THR F 86 31.86 18.03 -47.05
C THR F 86 33.33 17.67 -47.17
N VAL F 87 34.00 17.39 -46.07
CA VAL F 87 35.42 17.04 -46.05
C VAL F 87 35.66 15.95 -45.01
N GLY F 88 36.14 14.80 -45.44
CA GLY F 88 36.47 13.72 -44.54
C GLY F 88 35.87 12.42 -45.05
N CYS F 89 35.81 11.45 -44.15
CA CYS F 89 35.24 10.15 -44.46
C CYS F 89 33.73 10.26 -44.60
N GLN F 90 33.18 9.53 -45.58
CA GLN F 90 31.76 9.61 -45.87
C GLN F 90 30.99 8.58 -45.06
N VAL F 91 29.98 9.04 -44.34
CA VAL F 91 29.04 8.18 -43.67
C VAL F 91 27.72 8.22 -44.42
N THR F 92 26.83 7.30 -44.08
CA THR F 92 25.48 7.36 -44.61
C THR F 92 24.65 8.35 -43.79
N LYS F 93 23.43 8.56 -44.24
CA LYS F 93 22.48 9.35 -43.47
C LYS F 93 21.79 8.46 -42.46
N PRO F 94 21.87 8.77 -41.15
CA PRO F 94 21.19 7.93 -40.15
C PRO F 94 19.67 7.95 -40.21
N ASP F 95 19.04 7.19 -39.30
CA ASP F 95 17.60 7.01 -39.33
C ASP F 95 16.86 8.21 -38.75
N VAL F 96 17.49 8.91 -37.80
CA VAL F 96 16.84 10.02 -37.10
C VAL F 96 16.78 11.30 -37.92
N ILE F 97 17.45 11.33 -39.07
CA ILE F 97 17.62 12.56 -39.84
C ILE F 97 16.32 12.97 -40.53
N PHE F 98 15.38 12.03 -40.69
CA PHE F 98 14.06 12.34 -41.24
C PHE F 98 13.21 13.21 -40.30
N LYS F 99 13.64 13.41 -39.06
CA LYS F 99 12.98 14.33 -38.15
C LYS F 99 13.84 15.54 -37.80
N LEU F 100 15.03 15.68 -38.36
CA LEU F 100 15.81 16.90 -38.14
C LEU F 100 15.21 18.06 -38.91
N GLN F 102 11.63 17.40 -39.23
CA GLN F 102 10.68 18.05 -40.13
C GLN F 102 10.01 19.24 -39.44
N GLU F 103 8.82 19.61 -39.92
CA GLU F 103 8.25 20.91 -39.57
C GLU F 103 7.44 20.84 -38.27
N GLU F 104 6.56 19.85 -38.13
CA GLU F 104 5.66 19.82 -36.98
C GLU F 104 6.37 19.29 -35.75
N GLU F 105 6.79 18.03 -35.81
CA GLU F 105 7.30 17.27 -34.68
C GLU F 105 7.99 16.03 -35.22
N PRO F 106 8.83 15.37 -34.41
CA PRO F 106 9.29 14.04 -34.80
C PRO F 106 8.17 13.00 -34.75
N TRP F 107 7.40 13.00 -33.66
CA TRP F 107 6.42 11.95 -33.42
C TRP F 107 5.02 12.42 -33.79
N VAL F 108 4.81 12.48 -35.10
CA VAL F 108 3.52 12.84 -35.67
C VAL F 108 2.71 11.57 -35.93
N MET F 109 1.40 11.63 -35.69
CA MET F 109 0.52 10.51 -35.95
C MET F 109 0.32 10.32 -37.44
N GLU F 110 0.48 9.09 -37.90
CA GLU F 110 0.11 8.69 -39.26
C GLU F 110 -0.79 7.48 -39.27
N GLU F 111 -0.58 6.54 -38.35
CA GLU F 111 -1.54 5.47 -38.12
C GLU F 111 -2.81 6.04 -37.51
N GLU F 112 -3.93 5.33 -37.71
CA GLU F 112 -5.26 5.72 -37.25
C GLU F 112 -5.71 7.06 -37.81
N MET F 113 -6.22 7.05 -39.04
CA MET F 113 -6.69 8.20 -39.78
C MET F 113 -7.99 8.78 -39.22
N PHE F 114 -8.73 9.54 -40.06
CA PHE F 114 -9.88 10.38 -39.70
C PHE F 114 -9.45 11.51 -38.75
N GLY F 115 -8.61 12.37 -39.30
CA GLY F 115 -8.18 13.56 -38.60
C GLY F 115 -9.15 14.72 -38.66
N ARG F 116 -10.37 14.50 -38.15
CA ARG F 116 -11.33 15.55 -37.83
C ARG F 116 -11.75 16.42 -39.02
N HIS F 117 -12.58 15.85 -39.90
CA HIS F 117 -13.14 16.49 -41.09
C HIS F 117 -13.63 17.92 -40.82
N CYS F 118 -13.25 18.82 -41.71
CA CYS F 118 -13.34 20.26 -41.48
C CYS F 118 -13.17 20.97 -42.82
N PRO F 119 -13.40 22.30 -42.91
CA PRO F 119 -13.00 23.00 -44.14
C PRO F 119 -11.49 22.99 -44.36
ZN ZN G . -3.30 -1.03 18.65
ZN ZN H . -14.80 2.20 19.60
ZN ZN I . -9.74 -12.98 -12.32
ZN ZN J . -2.67 -22.73 -11.22
#